data_3F41
#
_entry.id   3F41
#
_cell.length_a   74.391
_cell.length_b   73.304
_cell.length_c   161.310
_cell.angle_alpha   90.000
_cell.angle_beta   93.710
_cell.angle_gamma   90.000
#
_symmetry.space_group_name_H-M   'P 1 21 1'
#
loop_
_entity.id
_entity.type
_entity.pdbx_description
1 polymer Phytase
2 non-polymer 'PHOSPHATE ION'
3 non-polymer 1,2-ETHANEDIOL
4 water water
#
_entity_poly.entity_id   1
_entity_poly.type   'polypeptide(L)'
_entity_poly.pdbx_seq_one_letter_code
;MGSSHHHHHHSSGLVPRGSHMASAVVQEVSAEAQAPAVVKNPPKLALKIDRADVNQLPRNFRMGSDKYVGVTKTGIMPTR
KGMDTMNVSASSCFSEKELEAILKKVPVKPSQFYDVDLRGESHGYLNGTAVSWFANHDWGNDGRTEDIIIPLEKEQLASL
KGSTVKSIYRFDDKKNVILSPVYVNYNKVRTEEEMVKQHGANYFRLTLQDHFRPDDPDVDKFLEFYKSLPKDAWLHYHCY
AGMGRTTIFMVMHDILKNAKDVSFDDIIQRQKLIGIVDLSEIPDKKKNYGRKAYIERYQFVQHFYDYVKENPDLKTPYSV
WAKKNKVNSWEPDYNGYIWRLDTKDRNQLPRNFRTMNSAFRTDVNVKKTGKGFTPTPTRKGLDTLYMSGSAEFSNGELQA
MLPVLKQQAKGPIYIMDLRQETHGVFNGNAVSWYGLRDWGNLGKNKAEVLKDENSRLNAARGKSLIVAELDKDKMPIDPK
PVKIESVMTEQQLVEKNGLHYYRIAATDHIWPSAANIDEFINFTRTMPANAWLHFHCQAGAGRTTAYMAMYDMMKNPDVS
LGDILSRQYLLGGNYVAYEIAKPKPDQWKADYYHQKAHMIEKFYQYVQENHADGFKTSWSQWLAAHQDV
;
_entity_poly.pdbx_strand_id   A,B
#
# COMPACT_ATOMS: atom_id res chain seq x y z
N PRO A 36 -21.45 -25.52 8.86
CA PRO A 36 -22.07 -24.52 7.95
C PRO A 36 -21.31 -24.39 6.63
N ALA A 37 -22.06 -24.13 5.55
CA ALA A 37 -21.46 -24.00 4.22
C ALA A 37 -21.04 -22.56 3.89
N VAL A 38 -20.08 -22.43 2.98
CA VAL A 38 -19.64 -21.11 2.56
C VAL A 38 -20.66 -20.51 1.62
N VAL A 39 -21.08 -19.28 1.91
CA VAL A 39 -22.05 -18.60 1.06
C VAL A 39 -21.43 -18.34 -0.30
N LYS A 40 -22.11 -18.81 -1.34
CA LYS A 40 -21.64 -18.70 -2.72
C LYS A 40 -21.78 -17.28 -3.30
N ASN A 41 -22.90 -16.61 -3.06
CA ASN A 41 -23.11 -15.25 -3.60
C ASN A 41 -23.33 -14.24 -2.48
N PRO A 42 -22.29 -13.99 -1.66
CA PRO A 42 -22.36 -13.04 -0.55
C PRO A 42 -22.62 -11.59 -0.94
N PRO A 43 -23.51 -10.90 -0.20
CA PRO A 43 -23.82 -9.49 -0.48
C PRO A 43 -22.63 -8.58 -0.17
N LYS A 44 -22.63 -7.35 -0.70
CA LYS A 44 -21.51 -6.43 -0.48
C LYS A 44 -21.30 -6.24 1.02
N LEU A 45 -22.37 -5.98 1.74
CA LEU A 45 -22.32 -5.80 3.18
C LEU A 45 -23.26 -6.82 3.86
N ALA A 46 -22.70 -7.69 4.69
CA ALA A 46 -23.50 -8.71 5.34
C ALA A 46 -23.35 -8.72 6.84
N LEU A 47 -24.46 -8.70 7.58
CA LEU A 47 -24.37 -8.75 9.04
C LEU A 47 -24.03 -10.18 9.45
N LYS A 48 -23.05 -10.34 10.34
CA LYS A 48 -22.67 -11.68 10.74
C LYS A 48 -22.21 -11.71 12.17
N ILE A 49 -22.11 -12.92 12.70
CA ILE A 49 -21.71 -13.16 14.09
C ILE A 49 -20.20 -12.99 14.29
N ASP A 50 -19.80 -12.20 15.26
CA ASP A 50 -18.40 -12.02 15.58
C ASP A 50 -18.03 -13.00 16.68
N ARG A 51 -18.74 -12.91 17.81
CA ARG A 51 -18.46 -13.75 18.95
C ARG A 51 -19.73 -14.20 19.65
N ALA A 52 -19.90 -15.53 19.73
CA ALA A 52 -21.04 -16.07 20.45
C ALA A 52 -20.80 -15.79 21.92
N ASP A 53 -21.87 -15.72 22.69
CA ASP A 53 -21.72 -15.42 24.10
C ASP A 53 -21.27 -16.66 24.88
N VAL A 54 -20.00 -16.67 25.26
CA VAL A 54 -19.40 -17.77 25.99
C VAL A 54 -18.72 -17.27 27.25
N ASN A 55 -18.74 -18.06 28.31
CA ASN A 55 -18.09 -17.65 29.55
C ASN A 55 -16.62 -18.06 29.56
N GLN A 56 -15.75 -17.17 29.12
CA GLN A 56 -14.33 -17.46 29.04
C GLN A 56 -13.58 -16.26 28.55
N LEU A 57 -12.26 -16.29 28.68
CA LEU A 57 -11.45 -15.19 28.19
C LEU A 57 -11.51 -15.22 26.67
N PRO A 58 -11.57 -14.05 26.04
CA PRO A 58 -11.61 -14.07 24.58
C PRO A 58 -10.31 -14.49 23.91
N ARG A 59 -10.43 -14.92 22.67
CA ARG A 59 -9.31 -15.31 21.83
C ARG A 59 -8.15 -14.28 21.90
N ASN A 60 -6.92 -14.80 21.96
CA ASN A 60 -5.72 -13.96 22.00
C ASN A 60 -5.64 -13.00 23.22
N PHE A 61 -6.35 -13.31 24.29
CA PHE A 61 -6.27 -12.45 25.47
C PHE A 61 -4.86 -12.45 26.00
N ARG A 62 -4.38 -11.34 26.53
CA ARG A 62 -3.02 -11.31 27.06
C ARG A 62 -2.80 -10.04 27.86
N MET A 63 -1.84 -10.08 28.78
CA MET A 63 -1.58 -8.92 29.63
C MET A 63 -0.14 -8.46 29.54
N GLY A 64 0.10 -7.18 29.76
CA GLY A 64 1.46 -6.68 29.68
C GLY A 64 2.43 -7.37 30.62
N SER A 65 1.92 -8.16 31.55
CA SER A 65 2.81 -8.82 32.50
C SER A 65 2.90 -10.32 32.28
N ASP A 66 2.32 -10.83 31.21
CA ASP A 66 2.38 -12.27 30.94
C ASP A 66 3.84 -12.72 30.74
N LYS A 67 4.06 -14.02 30.82
CA LYS A 67 5.41 -14.52 30.62
C LYS A 67 5.69 -14.69 29.13
N TYR A 68 6.96 -14.74 28.74
CA TYR A 68 7.31 -14.94 27.35
C TYR A 68 7.02 -16.37 26.91
N VAL A 69 6.46 -16.53 25.72
CA VAL A 69 6.22 -17.84 25.19
C VAL A 69 6.95 -17.93 23.87
N GLY A 70 7.75 -18.99 23.67
CA GLY A 70 8.50 -19.13 22.42
C GLY A 70 9.89 -18.50 22.52
N VAL A 71 10.54 -18.29 21.37
CA VAL A 71 11.89 -17.71 21.36
C VAL A 71 12.06 -16.66 20.28
N THR A 72 13.07 -15.81 20.44
CA THR A 72 13.41 -14.83 19.42
C THR A 72 14.34 -15.53 18.41
N LYS A 73 14.62 -14.88 17.29
CA LYS A 73 15.44 -15.50 16.27
C LYS A 73 16.87 -15.74 16.78
N THR A 74 17.37 -14.87 17.64
CA THR A 74 18.73 -15.02 18.16
C THR A 74 18.79 -16.06 19.27
N GLY A 75 17.64 -16.27 19.93
CA GLY A 75 17.60 -17.20 21.04
C GLY A 75 17.87 -16.48 22.35
N ILE A 76 18.00 -15.16 22.29
CA ILE A 76 18.21 -14.36 23.48
C ILE A 76 16.93 -13.59 23.78
N MET A 77 16.45 -13.73 25.02
CA MET A 77 15.23 -13.06 25.45
C MET A 77 15.47 -11.58 25.68
N PRO A 78 14.52 -10.73 25.28
CA PRO A 78 14.66 -9.30 25.47
C PRO A 78 14.31 -8.97 26.92
N THR A 79 14.82 -7.86 27.43
CA THR A 79 14.53 -7.45 28.81
C THR A 79 13.03 -7.40 29.10
N ARG A 80 12.67 -7.55 30.37
CA ARG A 80 11.28 -7.47 30.77
C ARG A 80 11.03 -6.12 31.46
N LYS A 81 12.07 -5.29 31.50
CA LYS A 81 11.98 -4.00 32.18
C LYS A 81 10.75 -3.16 31.80
N GLY A 82 9.99 -2.76 32.82
CA GLY A 82 8.82 -1.92 32.64
C GLY A 82 7.53 -2.63 32.26
N MET A 83 7.62 -3.92 32.00
CA MET A 83 6.46 -4.68 31.56
C MET A 83 5.40 -4.93 32.63
N ASP A 84 5.83 -5.08 33.88
CA ASP A 84 4.88 -5.41 34.93
C ASP A 84 4.02 -4.23 35.39
N THR A 85 4.47 -3.01 35.12
CA THR A 85 3.75 -1.80 35.52
C THR A 85 3.01 -1.06 34.38
N MET A 86 2.85 -1.68 33.21
CA MET A 86 2.17 -1.00 32.10
C MET A 86 0.66 -1.00 32.27
N ASN A 87 0.15 -1.92 33.10
CA ASN A 87 -1.27 -2.03 33.36
C ASN A 87 -2.07 -2.01 32.07
N VAL A 88 -1.84 -3.05 31.26
CA VAL A 88 -2.48 -3.18 29.96
C VAL A 88 -2.78 -4.62 29.60
N SER A 89 -3.85 -4.82 28.85
CA SER A 89 -4.23 -6.13 28.34
C SER A 89 -4.71 -5.96 26.89
N ALA A 90 -5.03 -7.04 26.19
CA ALA A 90 -5.50 -6.96 24.80
C ALA A 90 -6.10 -8.25 24.36
N SER A 91 -6.96 -8.21 23.36
CA SER A 91 -7.56 -9.45 22.89
C SER A 91 -8.31 -9.19 21.62
N SER A 92 -8.90 -10.25 21.09
CA SER A 92 -9.75 -10.12 19.94
C SER A 92 -11.05 -9.51 20.47
N CYS A 93 -12.04 -9.30 19.61
CA CYS A 93 -13.27 -8.74 20.14
C CYS A 93 -13.96 -9.76 21.08
N PHE A 94 -14.81 -9.26 21.95
CA PHE A 94 -15.43 -10.07 22.99
C PHE A 94 -16.93 -9.97 23.08
N SER A 95 -17.53 -11.12 23.40
CA SER A 95 -18.96 -11.20 23.65
C SER A 95 -19.18 -10.57 25.02
N GLU A 96 -20.42 -10.34 25.42
CA GLU A 96 -20.62 -9.76 26.73
C GLU A 96 -20.03 -10.67 27.84
N LYS A 97 -20.36 -11.96 27.80
CA LYS A 97 -19.81 -12.86 28.81
C LYS A 97 -18.27 -12.91 28.78
N GLU A 98 -17.64 -12.76 27.61
CA GLU A 98 -16.18 -12.76 27.59
C GLU A 98 -15.64 -11.48 28.24
N LEU A 99 -16.37 -10.37 28.12
CA LEU A 99 -15.93 -9.13 28.75
C LEU A 99 -15.98 -9.27 30.28
N GLU A 100 -16.98 -9.97 30.78
CA GLU A 100 -17.06 -10.20 32.24
C GLU A 100 -15.80 -10.95 32.71
N ALA A 101 -15.41 -11.97 31.94
CA ALA A 101 -14.22 -12.72 32.30
C ALA A 101 -13.02 -11.79 32.36
N ILE A 102 -12.96 -10.82 31.45
CA ILE A 102 -11.82 -9.86 31.45
C ILE A 102 -11.83 -9.02 32.71
N LEU A 103 -12.99 -8.43 32.99
CA LEU A 103 -13.16 -7.60 34.18
C LEU A 103 -12.86 -8.41 35.45
N LYS A 104 -13.30 -9.66 35.50
CA LYS A 104 -12.98 -10.53 36.63
C LYS A 104 -11.47 -10.71 36.72
N LYS A 105 -10.87 -11.10 35.60
CA LYS A 105 -9.43 -11.37 35.53
C LYS A 105 -8.52 -10.19 35.82
N VAL A 106 -8.72 -9.02 35.22
CA VAL A 106 -7.78 -7.93 35.50
C VAL A 106 -7.84 -7.46 36.96
N PRO A 107 -6.67 -7.12 37.52
CA PRO A 107 -6.50 -6.66 38.90
C PRO A 107 -7.08 -5.29 39.22
N VAL A 108 -8.10 -4.85 38.49
CA VAL A 108 -8.67 -3.53 38.80
C VAL A 108 -10.18 -3.58 38.79
N LYS A 109 -10.79 -2.49 39.28
CA LYS A 109 -12.24 -2.38 39.31
C LYS A 109 -12.72 -1.83 37.97
N PRO A 110 -13.98 -2.15 37.59
CA PRO A 110 -14.51 -1.64 36.32
C PRO A 110 -14.28 -0.14 36.12
N SER A 111 -14.32 0.64 37.18
CA SER A 111 -14.14 2.08 37.02
C SER A 111 -12.73 2.50 36.58
N GLN A 112 -11.74 1.62 36.74
CA GLN A 112 -10.37 1.94 36.31
C GLN A 112 -10.08 1.29 34.94
N PHE A 113 -11.07 0.56 34.41
CA PHE A 113 -10.95 -0.19 33.17
C PHE A 113 -11.40 0.60 31.93
N TYR A 114 -10.54 0.69 30.93
CA TYR A 114 -10.90 1.39 29.71
C TYR A 114 -10.82 0.48 28.51
N ASP A 115 -11.97 0.23 27.88
CA ASP A 115 -11.99 -0.59 26.69
C ASP A 115 -11.64 0.28 25.47
N VAL A 116 -10.50 0.04 24.84
CA VAL A 116 -10.06 0.84 23.69
C VAL A 116 -10.45 0.09 22.41
N ASP A 117 -11.61 0.45 21.86
CA ASP A 117 -12.19 -0.16 20.67
C ASP A 117 -11.55 0.40 19.37
N LEU A 118 -10.76 -0.43 18.71
CA LEU A 118 -10.02 -0.05 17.52
C LEU A 118 -10.71 -0.38 16.20
N ARG A 119 -11.94 -0.86 16.22
CA ARG A 119 -12.54 -1.23 14.95
C ARG A 119 -13.26 -0.12 14.22
N GLY A 120 -12.86 0.10 12.97
CA GLY A 120 -13.53 1.12 12.16
C GLY A 120 -14.80 0.57 11.49
N GLU A 121 -14.90 -0.76 11.36
CA GLU A 121 -16.09 -1.39 10.76
C GLU A 121 -17.28 -1.31 11.76
N SER A 122 -18.52 -1.35 11.27
CA SER A 122 -19.71 -1.25 12.15
C SER A 122 -19.98 -2.53 12.94
N HIS A 123 -20.10 -2.40 14.26
CA HIS A 123 -20.31 -3.55 15.12
C HIS A 123 -21.19 -3.20 16.33
N GLY A 124 -21.72 -4.21 17.00
CA GLY A 124 -22.57 -3.98 18.16
C GLY A 124 -22.97 -5.28 18.85
N TYR A 125 -24.06 -5.25 19.61
CA TYR A 125 -24.47 -6.46 20.34
C TYR A 125 -25.96 -6.76 20.30
N LEU A 126 -26.26 -8.02 19.99
CA LEU A 126 -27.59 -8.58 20.03
C LEU A 126 -27.55 -9.40 21.30
N ASN A 127 -28.15 -8.88 22.37
CA ASN A 127 -28.09 -9.51 23.69
C ASN A 127 -26.64 -9.45 24.18
N GLY A 128 -25.91 -10.55 24.09
CA GLY A 128 -24.53 -10.57 24.53
C GLY A 128 -23.62 -10.99 23.38
N THR A 129 -24.24 -11.40 22.28
CA THR A 129 -23.53 -11.84 21.10
C THR A 129 -22.98 -10.65 20.30
N ALA A 130 -21.69 -10.70 19.96
CA ALA A 130 -21.06 -9.62 19.17
C ALA A 130 -21.34 -9.85 17.72
N VAL A 131 -21.62 -8.77 16.98
CA VAL A 131 -21.90 -8.88 15.55
C VAL A 131 -21.37 -7.66 14.84
N SER A 132 -21.27 -7.73 13.51
CA SER A 132 -20.76 -6.60 12.76
C SER A 132 -21.09 -6.76 11.29
N TRP A 133 -21.05 -5.66 10.56
CA TRP A 133 -21.32 -5.70 9.15
C TRP A 133 -20.00 -5.89 8.40
N PHE A 134 -19.90 -7.00 7.68
CA PHE A 134 -18.70 -7.39 6.96
C PHE A 134 -18.75 -7.20 5.43
N ALA A 135 -17.67 -6.64 4.90
CA ALA A 135 -17.43 -6.52 3.46
C ALA A 135 -16.02 -7.12 3.28
N ASN A 136 -15.71 -7.67 2.11
CA ASN A 136 -14.39 -8.31 1.89
C ASN A 136 -13.21 -7.49 2.48
N HIS A 137 -12.28 -8.22 3.13
CA HIS A 137 -11.10 -7.62 3.77
C HIS A 137 -11.50 -6.81 4.99
N ASP A 138 -12.72 -7.02 5.45
CA ASP A 138 -13.25 -6.31 6.62
C ASP A 138 -13.21 -4.79 6.41
N TRP A 139 -13.50 -4.36 5.17
CA TRP A 139 -13.50 -2.93 4.83
C TRP A 139 -14.93 -2.41 4.63
N GLY A 140 -15.79 -2.76 5.59
CA GLY A 140 -17.19 -2.34 5.57
C GLY A 140 -17.37 -0.84 5.47
N ASN A 141 -16.53 -0.08 6.16
CA ASN A 141 -16.59 1.38 6.14
C ASN A 141 -15.36 1.98 5.46
N ASP A 142 -14.83 1.27 4.46
CA ASP A 142 -13.63 1.71 3.73
C ASP A 142 -13.70 3.17 3.28
N GLY A 143 -12.68 3.93 3.68
CA GLY A 143 -12.60 5.33 3.32
C GLY A 143 -13.49 6.31 4.07
N ARG A 144 -14.41 5.83 4.89
CA ARG A 144 -15.28 6.76 5.61
C ARG A 144 -14.58 7.41 6.80
N THR A 145 -15.00 8.61 7.12
CA THR A 145 -14.42 9.31 8.27
C THR A 145 -15.24 8.95 9.52
N GLU A 146 -14.68 9.25 10.68
CA GLU A 146 -15.34 8.95 11.93
C GLU A 146 -16.70 9.63 12.04
N ASP A 147 -16.79 10.92 11.67
CA ASP A 147 -18.07 11.62 11.81
C ASP A 147 -19.19 11.03 10.93
N ILE A 148 -18.87 10.10 10.04
CA ILE A 148 -19.90 9.43 9.25
C ILE A 148 -20.09 8.00 9.80
N ILE A 149 -18.98 7.37 10.20
CA ILE A 149 -18.99 6.00 10.73
C ILE A 149 -19.80 5.84 12.03
N ILE A 150 -19.52 6.65 13.04
CA ILE A 150 -20.24 6.49 14.29
C ILE A 150 -21.75 6.56 14.11
N PRO A 151 -22.26 7.57 13.36
CA PRO A 151 -23.71 7.69 13.13
C PRO A 151 -24.27 6.58 12.24
N LEU A 152 -23.53 6.16 11.23
CA LEU A 152 -24.01 5.09 10.36
C LEU A 152 -24.24 3.79 11.17
N GLU A 153 -23.25 3.45 12.00
CA GLU A 153 -23.29 2.29 12.84
C GLU A 153 -24.49 2.39 13.79
N LYS A 154 -24.70 3.55 14.40
CA LYS A 154 -25.85 3.74 15.31
C LYS A 154 -27.14 3.40 14.58
N GLU A 155 -27.24 3.87 13.34
CA GLU A 155 -28.40 3.63 12.51
C GLU A 155 -28.55 2.16 12.12
N GLN A 156 -27.44 1.52 11.74
CA GLN A 156 -27.50 0.11 11.35
C GLN A 156 -27.97 -0.74 12.53
N LEU A 157 -27.50 -0.40 13.72
CA LEU A 157 -27.92 -1.12 14.90
C LEU A 157 -29.39 -0.76 15.21
N ALA A 158 -29.74 0.50 15.00
CA ALA A 158 -31.12 0.92 15.26
C ALA A 158 -32.08 0.17 14.38
N SER A 159 -31.68 -0.14 13.14
CA SER A 159 -32.57 -0.85 12.22
C SER A 159 -32.90 -2.28 12.67
N LEU A 160 -32.23 -2.74 13.74
CA LEU A 160 -32.45 -4.09 14.25
C LEU A 160 -33.38 -4.06 15.46
N LYS A 161 -33.44 -2.93 16.15
CA LYS A 161 -34.32 -2.79 17.30
C LYS A 161 -35.74 -3.00 16.81
N GLY A 162 -36.67 -3.32 17.72
CA GLY A 162 -38.03 -3.49 17.24
C GLY A 162 -38.28 -4.84 16.58
N SER A 163 -37.40 -5.78 16.87
CA SER A 163 -37.54 -7.13 16.38
C SER A 163 -36.80 -8.00 17.36
N THR A 164 -37.16 -9.28 17.44
CA THR A 164 -36.49 -10.14 18.41
C THR A 164 -35.93 -11.40 17.76
N VAL A 165 -35.97 -11.43 16.43
CA VAL A 165 -35.44 -12.56 15.66
C VAL A 165 -34.89 -12.02 14.33
N LYS A 166 -33.71 -12.50 13.93
CA LYS A 166 -33.08 -12.01 12.71
C LYS A 166 -32.11 -13.04 12.12
N SER A 167 -32.13 -13.14 10.80
CA SER A 167 -31.24 -14.04 10.09
C SER A 167 -29.86 -13.41 10.04
N ILE A 168 -28.87 -14.06 10.63
CA ILE A 168 -27.52 -13.52 10.66
C ILE A 168 -26.46 -14.55 10.23
N TYR A 169 -25.69 -14.18 9.19
CA TYR A 169 -24.63 -15.03 8.65
C TYR A 169 -23.63 -15.44 9.71
N ARG A 170 -22.98 -16.58 9.47
CA ARG A 170 -21.94 -17.06 10.36
C ARG A 170 -20.59 -16.74 9.73
N PHE A 171 -19.50 -16.88 10.47
CA PHE A 171 -18.22 -16.49 9.92
C PHE A 171 -17.10 -17.47 10.20
N ASP A 172 -16.21 -17.60 9.23
CA ASP A 172 -15.03 -18.48 9.31
C ASP A 172 -13.79 -17.61 9.57
N ASP A 173 -13.21 -17.73 10.75
CA ASP A 173 -12.04 -16.95 11.16
C ASP A 173 -10.78 -17.15 10.31
N LYS A 174 -10.47 -18.39 9.90
CA LYS A 174 -9.26 -18.64 9.11
C LYS A 174 -9.41 -18.23 7.65
N LYS A 175 -10.50 -18.61 7.02
CA LYS A 175 -10.73 -18.27 5.62
C LYS A 175 -11.32 -16.87 5.46
N ASN A 176 -11.66 -16.23 6.58
CA ASN A 176 -12.25 -14.89 6.58
C ASN A 176 -13.30 -14.72 5.50
N VAL A 177 -14.31 -15.58 5.53
CA VAL A 177 -15.43 -15.57 4.59
C VAL A 177 -16.75 -15.77 5.36
N ILE A 178 -17.86 -15.29 4.82
CA ILE A 178 -19.12 -15.49 5.54
C ILE A 178 -19.73 -16.85 5.21
N LEU A 179 -20.36 -17.46 6.22
CA LEU A 179 -20.99 -18.77 6.11
C LEU A 179 -22.52 -18.64 6.22
N SER A 180 -23.22 -19.67 5.75
CA SER A 180 -24.69 -19.71 5.76
C SER A 180 -25.26 -19.27 7.11
N PRO A 181 -26.35 -18.49 7.06
CA PRO A 181 -27.04 -17.95 8.24
C PRO A 181 -27.72 -18.89 9.21
N VAL A 182 -28.22 -18.29 10.28
CA VAL A 182 -28.97 -18.94 11.33
C VAL A 182 -29.77 -17.87 12.04
N TYR A 183 -30.99 -18.17 12.46
CA TYR A 183 -31.80 -17.17 13.12
C TYR A 183 -31.34 -16.93 14.54
N VAL A 184 -31.25 -15.65 14.91
CA VAL A 184 -30.82 -15.30 16.25
C VAL A 184 -31.95 -14.55 16.99
N ASN A 185 -32.29 -15.06 18.17
CA ASN A 185 -33.31 -14.43 18.99
C ASN A 185 -32.59 -13.49 19.93
N TYR A 186 -33.17 -12.32 20.17
CA TYR A 186 -32.57 -11.34 21.06
C TYR A 186 -33.63 -10.31 21.45
N ASN A 187 -33.29 -9.45 22.40
CA ASN A 187 -34.23 -8.41 22.81
C ASN A 187 -33.48 -7.23 23.34
N LYS A 188 -32.20 -7.18 23.00
CA LYS A 188 -31.30 -6.10 23.37
C LYS A 188 -30.39 -5.78 22.20
N VAL A 189 -30.34 -4.51 21.81
CA VAL A 189 -29.45 -4.08 20.76
C VAL A 189 -28.65 -2.93 21.35
N ARG A 190 -27.34 -3.15 21.45
CA ARG A 190 -26.45 -2.15 22.06
C ARG A 190 -25.19 -1.91 21.24
N THR A 191 -24.66 -0.71 21.40
CA THR A 191 -23.41 -0.43 20.75
C THR A 191 -22.35 -0.95 21.73
N GLU A 192 -21.13 -1.13 21.28
CA GLU A 192 -20.15 -1.61 22.22
C GLU A 192 -20.01 -0.65 23.41
N GLU A 193 -20.24 0.64 23.17
CA GLU A 193 -20.11 1.59 24.27
C GLU A 193 -21.23 1.38 25.33
N GLU A 194 -22.48 1.23 24.90
CA GLU A 194 -23.58 1.05 25.84
C GLU A 194 -23.33 -0.17 26.74
N MET A 195 -22.90 -1.26 26.10
CA MET A 195 -22.64 -2.52 26.75
C MET A 195 -21.49 -2.39 27.78
N VAL A 196 -20.38 -1.83 27.36
CA VAL A 196 -19.29 -1.69 28.28
C VAL A 196 -19.65 -0.78 29.46
N LYS A 197 -20.33 0.33 29.19
CA LYS A 197 -20.67 1.23 30.28
C LYS A 197 -21.58 0.55 31.31
N GLN A 198 -22.48 -0.30 30.84
CA GLN A 198 -23.40 -1.01 31.71
C GLN A 198 -22.73 -2.03 32.62
N HIS A 199 -21.40 -2.13 32.54
CA HIS A 199 -20.68 -3.03 33.43
C HIS A 199 -19.76 -2.17 34.27
N GLY A 200 -20.03 -0.87 34.25
CA GLY A 200 -19.26 0.08 35.04
C GLY A 200 -17.86 0.41 34.58
N ALA A 201 -17.53 0.06 33.34
CA ALA A 201 -16.20 0.31 32.80
C ALA A 201 -16.25 1.47 31.83
N ASN A 202 -15.08 1.89 31.34
CA ASN A 202 -15.05 3.02 30.42
C ASN A 202 -14.86 2.61 28.96
N TYR A 203 -15.01 3.57 28.07
CA TYR A 203 -14.94 3.29 26.66
C TYR A 203 -14.26 4.38 25.87
N PHE A 204 -13.53 3.93 24.85
CA PHE A 204 -12.88 4.84 23.94
C PHE A 204 -12.78 4.20 22.57
N ARG A 205 -13.20 4.95 21.57
CA ARG A 205 -13.23 4.43 20.22
C ARG A 205 -12.29 5.11 19.27
N LEU A 206 -11.83 4.31 18.31
CA LEU A 206 -10.99 4.72 17.19
C LEU A 206 -11.51 3.93 16.02
N THR A 207 -11.87 4.62 14.94
CA THR A 207 -12.42 3.92 13.78
C THR A 207 -11.34 3.63 12.76
N LEU A 208 -10.51 2.61 13.05
CA LEU A 208 -9.38 2.24 12.18
C LEU A 208 -9.75 1.18 11.16
N GLN A 209 -9.35 1.38 9.91
CA GLN A 209 -9.63 0.41 8.87
C GLN A 209 -8.76 -0.81 9.13
N ASP A 210 -9.28 -1.99 8.93
CA ASP A 210 -8.46 -3.15 9.17
C ASP A 210 -7.29 -3.17 8.15
N HIS A 211 -6.17 -3.80 8.53
CA HIS A 211 -5.00 -3.96 7.68
C HIS A 211 -4.09 -2.75 7.55
N PHE A 212 -4.41 -1.61 8.16
CA PHE A 212 -3.49 -0.48 7.99
C PHE A 212 -3.07 0.18 9.30
N ARG A 213 -1.93 0.83 9.28
CA ARG A 213 -1.50 1.61 10.43
C ARG A 213 -2.50 2.78 10.65
N PRO A 214 -2.55 3.36 11.85
CA PRO A 214 -3.51 4.48 11.98
C PRO A 214 -2.92 5.78 11.39
N ASP A 215 -3.78 6.68 10.91
CA ASP A 215 -3.29 7.94 10.37
C ASP A 215 -2.88 8.87 11.50
N ASP A 216 -2.02 9.85 11.18
CA ASP A 216 -1.55 10.77 12.20
C ASP A 216 -2.70 11.37 13.06
N PRO A 217 -3.80 11.84 12.43
CA PRO A 217 -4.89 12.42 13.23
C PRO A 217 -5.43 11.47 14.31
N ASP A 218 -5.46 10.17 14.00
CA ASP A 218 -5.91 9.18 14.98
C ASP A 218 -4.88 8.97 16.07
N VAL A 219 -3.60 9.05 15.71
CA VAL A 219 -2.57 8.95 16.71
C VAL A 219 -2.72 10.15 17.64
N ASP A 220 -2.95 11.34 17.09
CA ASP A 220 -3.16 12.55 17.91
C ASP A 220 -4.39 12.37 18.81
N LYS A 221 -5.47 11.83 18.24
CA LYS A 221 -6.69 11.64 19.02
C LYS A 221 -6.45 10.65 20.16
N PHE A 222 -5.67 9.60 19.86
CA PHE A 222 -5.38 8.62 20.88
C PHE A 222 -4.47 9.22 21.96
N LEU A 223 -3.45 9.98 21.58
CA LEU A 223 -2.56 10.58 22.57
C LEU A 223 -3.30 11.59 23.47
N GLU A 224 -4.27 12.31 22.92
CA GLU A 224 -5.05 13.25 23.73
C GLU A 224 -5.81 12.45 24.82
N PHE A 225 -6.45 11.37 24.42
CA PHE A 225 -7.19 10.49 25.34
C PHE A 225 -6.25 9.92 26.43
N TYR A 226 -5.09 9.43 26.01
CA TYR A 226 -4.11 8.84 26.90
C TYR A 226 -3.51 9.85 27.87
N LYS A 227 -3.27 11.08 27.40
CA LYS A 227 -2.68 12.08 28.28
C LYS A 227 -3.65 12.50 29.38
N SER A 228 -4.93 12.30 29.14
CA SER A 228 -5.96 12.73 30.08
C SER A 228 -6.43 11.64 31.03
N LEU A 229 -5.79 10.48 31.00
CA LEU A 229 -6.21 9.38 31.86
C LEU A 229 -5.68 9.48 33.30
N PRO A 230 -6.37 8.84 34.26
CA PRO A 230 -6.01 8.80 35.68
C PRO A 230 -4.81 7.87 35.70
N LYS A 231 -3.76 8.22 36.41
CA LYS A 231 -2.53 7.42 36.47
C LYS A 231 -2.74 5.94 36.80
N ASP A 232 -3.89 5.58 37.35
CA ASP A 232 -4.15 4.19 37.72
C ASP A 232 -5.02 3.46 36.69
N ALA A 233 -5.20 4.03 35.51
CA ALA A 233 -6.06 3.41 34.51
C ALA A 233 -5.44 2.17 33.86
N TRP A 234 -6.32 1.22 33.53
CA TRP A 234 -6.00 -0.04 32.86
C TRP A 234 -6.58 -0.03 31.44
N LEU A 235 -5.73 -0.02 30.43
CA LEU A 235 -6.21 0.00 29.05
C LEU A 235 -6.25 -1.39 28.43
N HIS A 236 -7.38 -1.73 27.80
CA HIS A 236 -7.53 -3.02 27.13
C HIS A 236 -7.79 -2.78 25.64
N TYR A 237 -6.84 -3.17 24.79
CA TYR A 237 -6.98 -2.96 23.34
C TYR A 237 -7.58 -4.16 22.63
N HIS A 238 -8.42 -3.88 21.64
CA HIS A 238 -8.98 -4.95 20.87
C HIS A 238 -9.45 -4.45 19.51
N CYS A 239 -9.46 -5.38 18.55
CA CYS A 239 -9.98 -5.14 17.23
C CYS A 239 -10.76 -6.38 16.94
N TYR A 240 -10.75 -6.94 15.73
CA TYR A 240 -11.53 -8.15 15.55
C TYR A 240 -10.79 -9.44 16.01
N ALA A 241 -9.70 -9.79 15.32
CA ALA A 241 -8.92 -11.00 15.62
C ALA A 241 -7.98 -10.84 16.83
N GLY A 242 -7.54 -9.61 17.09
CA GLY A 242 -6.63 -9.39 18.20
C GLY A 242 -5.15 -9.31 17.85
N MET A 243 -4.82 -9.25 16.55
CA MET A 243 -3.41 -9.22 16.17
C MET A 243 -2.88 -7.93 15.59
N GLY A 244 -3.30 -7.58 14.37
CA GLY A 244 -2.82 -6.39 13.68
C GLY A 244 -2.88 -5.07 14.39
N ARG A 245 -4.03 -4.42 14.29
CA ARG A 245 -4.26 -3.12 14.93
C ARG A 245 -3.89 -3.19 16.40
N THR A 246 -4.43 -4.20 17.07
CA THR A 246 -4.15 -4.41 18.50
C THR A 246 -2.65 -4.50 18.82
N THR A 247 -1.89 -5.18 17.97
CA THR A 247 -0.45 -5.29 18.21
C THR A 247 0.20 -3.94 17.96
N ILE A 248 -0.29 -3.19 17.03
CA ILE A 248 0.26 -1.86 16.81
C ILE A 248 0.11 -1.09 18.12
N PHE A 249 -1.10 -1.10 18.67
CA PHE A 249 -1.30 -0.32 19.87
C PHE A 249 -0.62 -0.89 21.13
N MET A 250 -0.49 -2.20 21.22
CA MET A 250 0.24 -2.74 22.37
C MET A 250 1.66 -2.25 22.28
N VAL A 251 2.20 -2.14 21.06
CA VAL A 251 3.59 -1.65 20.92
C VAL A 251 3.65 -0.15 21.22
N MET A 252 2.61 0.59 20.82
CA MET A 252 2.58 2.03 21.12
C MET A 252 2.55 2.22 22.65
N HIS A 253 1.73 1.42 23.32
CA HIS A 253 1.63 1.50 24.77
C HIS A 253 3.00 1.25 25.37
N ASP A 254 3.58 0.12 24.99
CA ASP A 254 4.89 -0.23 25.51
C ASP A 254 5.86 0.93 25.28
N ILE A 255 5.87 1.50 24.07
CA ILE A 255 6.76 2.64 23.76
C ILE A 255 6.42 3.83 24.68
N LEU A 256 5.15 4.10 24.88
CA LEU A 256 4.76 5.22 25.73
C LEU A 256 5.26 5.08 27.17
N LYS A 257 5.27 3.85 27.69
CA LYS A 257 5.68 3.58 29.07
C LYS A 257 7.19 3.36 29.24
N ASN A 258 7.86 2.76 28.26
CA ASN A 258 9.25 2.42 28.48
C ASN A 258 10.22 2.77 27.39
N ALA A 259 9.89 3.71 26.50
CA ALA A 259 10.82 4.04 25.41
C ALA A 259 12.18 4.58 25.88
N LYS A 260 12.16 5.39 26.94
CA LYS A 260 13.39 5.98 27.44
C LYS A 260 14.31 4.97 28.10
N ASP A 261 13.79 3.81 28.49
CA ASP A 261 14.62 2.81 29.15
C ASP A 261 14.82 1.52 28.34
N VAL A 262 13.97 1.27 27.35
CA VAL A 262 14.09 0.06 26.56
C VAL A 262 14.27 0.36 25.08
N SER A 263 15.04 -0.46 24.37
CA SER A 263 15.22 -0.22 22.95
C SER A 263 13.98 -0.63 22.16
N PHE A 264 13.89 -0.12 20.95
CA PHE A 264 12.82 -0.41 20.03
C PHE A 264 12.80 -1.90 19.68
N ASP A 265 13.94 -2.47 19.33
CA ASP A 265 13.95 -3.89 18.99
C ASP A 265 13.48 -4.76 20.16
N ASP A 266 13.79 -4.37 21.40
CA ASP A 266 13.34 -5.19 22.53
C ASP A 266 11.85 -5.08 22.70
N ILE A 267 11.31 -3.88 22.54
CA ILE A 267 9.89 -3.73 22.63
C ILE A 267 9.21 -4.63 21.58
N ILE A 268 9.63 -4.51 20.32
CA ILE A 268 9.04 -5.32 19.26
C ILE A 268 9.05 -6.81 19.59
N GLN A 269 10.19 -7.32 20.02
CA GLN A 269 10.28 -8.74 20.31
C GLN A 269 9.50 -9.17 21.54
N ARG A 270 9.50 -8.36 22.60
CA ARG A 270 8.75 -8.85 23.73
C ARG A 270 7.26 -8.82 23.48
N GLN A 271 6.79 -7.91 22.61
CA GLN A 271 5.37 -7.91 22.32
C GLN A 271 5.01 -9.14 21.48
N LYS A 272 5.97 -9.62 20.69
CA LYS A 272 5.76 -10.84 19.93
C LYS A 272 5.64 -12.03 20.89
N LEU A 273 6.54 -12.07 21.88
CA LEU A 273 6.61 -13.16 22.88
C LEU A 273 5.38 -13.21 23.81
N ILE A 274 4.70 -12.09 24.09
CA ILE A 274 3.52 -12.22 24.95
C ILE A 274 2.23 -12.15 24.12
N GLY A 275 2.35 -11.94 22.80
CA GLY A 275 1.21 -11.87 21.91
C GLY A 275 1.46 -12.89 20.82
N ILE A 276 1.28 -12.54 19.56
CA ILE A 276 1.57 -13.53 18.53
C ILE A 276 2.13 -12.93 17.26
N VAL A 277 2.27 -11.61 17.23
CA VAL A 277 2.78 -10.96 16.03
C VAL A 277 4.04 -10.16 16.25
N ASP A 278 4.99 -10.40 15.37
CA ASP A 278 6.25 -9.67 15.37
C ASP A 278 6.12 -8.62 14.27
N LEU A 279 6.00 -7.36 14.63
CA LEU A 279 5.84 -6.31 13.63
C LEU A 279 7.02 -6.19 12.63
N SER A 280 8.22 -6.61 13.00
CA SER A 280 9.38 -6.49 12.11
C SER A 280 9.43 -7.61 11.08
N GLU A 281 8.46 -8.50 11.13
CA GLU A 281 8.43 -9.62 10.22
C GLU A 281 7.62 -9.37 8.96
N ILE A 282 8.30 -9.36 7.81
CA ILE A 282 7.69 -9.19 6.51
C ILE A 282 7.84 -10.52 5.81
N PRO A 283 6.80 -11.35 5.88
CA PRO A 283 6.82 -12.69 5.28
C PRO A 283 6.79 -12.79 3.76
N ASP A 284 7.34 -13.90 3.27
CA ASP A 284 7.39 -14.17 1.83
C ASP A 284 5.98 -14.37 1.30
N LYS A 285 5.08 -14.70 2.23
CA LYS A 285 3.66 -14.93 1.95
C LYS A 285 3.02 -13.62 1.50
N LYS A 286 3.53 -12.51 2.02
CA LYS A 286 2.99 -11.18 1.68
C LYS A 286 3.59 -10.66 0.39
N LYS A 287 2.72 -10.23 -0.51
CA LYS A 287 3.16 -9.70 -1.79
C LYS A 287 2.44 -8.41 -2.13
N ASN A 288 2.96 -7.70 -3.13
CA ASN A 288 2.42 -6.44 -3.63
C ASN A 288 1.74 -5.57 -2.56
N TYR A 289 0.43 -5.39 -2.66
CA TYR A 289 -0.31 -4.53 -1.72
C TYR A 289 -0.17 -4.92 -0.26
N GLY A 290 -0.48 -6.19 0.05
CA GLY A 290 -0.39 -6.69 1.42
C GLY A 290 0.99 -6.40 2.01
N ARG A 291 2.02 -6.75 1.27
CA ARG A 291 3.40 -6.53 1.71
C ARG A 291 3.63 -5.05 2.11
N LYS A 292 3.16 -4.12 1.28
CA LYS A 292 3.31 -2.68 1.55
C LYS A 292 2.65 -2.28 2.87
N ALA A 293 1.49 -2.85 3.17
CA ALA A 293 0.82 -2.49 4.45
C ALA A 293 1.64 -2.99 5.65
N TYR A 294 2.20 -4.20 5.57
CA TYR A 294 3.05 -4.72 6.64
C TYR A 294 4.28 -3.78 6.84
N ILE A 295 4.90 -3.36 5.73
CA ILE A 295 6.05 -2.47 5.80
C ILE A 295 5.65 -1.11 6.41
N GLU A 296 4.55 -0.53 5.92
CA GLU A 296 4.10 0.75 6.42
C GLU A 296 3.80 0.70 7.94
N ARG A 297 3.19 -0.38 8.43
CA ARG A 297 2.91 -0.45 9.88
C ARG A 297 4.21 -0.63 10.70
N TYR A 298 5.19 -1.34 10.15
CA TYR A 298 6.45 -1.50 10.87
C TYR A 298 7.20 -0.17 10.92
N GLN A 299 7.22 0.57 9.81
CA GLN A 299 7.91 1.86 9.82
C GLN A 299 7.15 2.81 10.72
N PHE A 300 5.83 2.70 10.75
CA PHE A 300 5.11 3.60 11.62
C PHE A 300 5.54 3.46 13.10
N VAL A 301 5.53 2.25 13.67
CA VAL A 301 5.91 2.18 15.08
C VAL A 301 7.34 2.64 15.31
N GLN A 302 8.15 2.66 14.25
CA GLN A 302 9.52 3.14 14.37
C GLN A 302 9.50 4.67 14.47
N HIS A 303 8.62 5.29 13.70
CA HIS A 303 8.50 6.73 13.79
C HIS A 303 7.91 7.06 15.14
N PHE A 304 6.90 6.32 15.57
CA PHE A 304 6.27 6.58 16.85
C PHE A 304 7.29 6.46 17.96
N TYR A 305 8.14 5.45 17.88
CA TYR A 305 9.18 5.31 18.89
C TYR A 305 10.04 6.57 18.92
N ASP A 306 10.58 6.95 17.76
CA ASP A 306 11.41 8.13 17.69
C ASP A 306 10.67 9.37 18.20
N TYR A 307 9.35 9.39 18.08
CA TYR A 307 8.61 10.55 18.56
C TYR A 307 8.61 10.61 20.11
N VAL A 308 8.21 9.54 20.77
CA VAL A 308 8.19 9.54 22.24
C VAL A 308 9.60 9.75 22.81
N LYS A 309 10.59 9.27 22.10
CA LYS A 309 11.98 9.39 22.50
C LYS A 309 12.47 10.86 22.46
N GLU A 310 12.03 11.61 21.46
CA GLU A 310 12.43 13.01 21.35
C GLU A 310 11.40 13.94 21.97
N ASN A 311 10.32 13.39 22.52
CA ASN A 311 9.26 14.20 23.14
C ASN A 311 8.63 13.53 24.35
N PRO A 312 9.42 13.29 25.41
CA PRO A 312 8.96 12.64 26.64
C PRO A 312 7.65 13.20 27.23
N ASP A 313 7.48 14.50 27.08
CA ASP A 313 6.31 15.23 27.60
C ASP A 313 5.06 15.13 26.73
N LEU A 314 5.19 14.64 25.50
CA LEU A 314 4.05 14.54 24.58
C LEU A 314 3.38 15.90 24.42
N LYS A 315 4.16 16.98 24.49
CA LYS A 315 3.61 18.34 24.38
C LYS A 315 3.28 18.68 22.93
N THR A 316 4.25 18.58 22.03
CA THR A 316 3.97 18.85 20.63
C THR A 316 3.31 17.59 19.98
N PRO A 317 2.15 17.78 19.32
CA PRO A 317 1.40 16.70 18.66
C PRO A 317 2.22 15.78 17.76
N TYR A 318 1.83 14.51 17.69
CA TYR A 318 2.55 13.57 16.86
C TYR A 318 2.49 14.02 15.41
N SER A 319 1.32 14.43 14.96
CA SER A 319 1.19 14.87 13.59
C SER A 319 2.14 16.03 13.28
N VAL A 320 2.26 16.98 14.21
CA VAL A 320 3.15 18.12 13.95
C VAL A 320 4.62 17.68 13.92
N TRP A 321 4.97 16.75 14.81
CA TRP A 321 6.31 16.22 14.83
C TRP A 321 6.58 15.50 13.51
N ALA A 322 5.66 14.61 13.13
CA ALA A 322 5.83 13.82 11.91
C ALA A 322 5.96 14.71 10.68
N LYS A 323 5.14 15.75 10.64
CA LYS A 323 5.16 16.72 9.57
C LYS A 323 6.54 17.35 9.51
N LYS A 324 7.03 17.82 10.66
CA LYS A 324 8.34 18.48 10.74
C LYS A 324 9.49 17.55 10.29
N ASN A 325 9.38 16.25 10.58
CA ASN A 325 10.43 15.31 10.21
C ASN A 325 10.15 14.59 8.88
N LYS A 326 9.10 15.04 8.19
CA LYS A 326 8.74 14.48 6.90
C LYS A 326 8.36 13.00 6.93
N VAL A 327 7.84 12.53 8.05
CA VAL A 327 7.42 11.14 8.13
C VAL A 327 5.90 11.07 8.37
N ASN A 328 5.24 12.21 8.16
CA ASN A 328 3.79 12.35 8.33
C ASN A 328 2.96 11.51 7.35
N SER A 329 1.73 11.16 7.74
CA SER A 329 0.86 10.46 6.81
C SER A 329 0.17 11.54 5.99
N TRP A 330 -0.42 11.15 4.88
CA TRP A 330 -1.07 12.12 4.01
C TRP A 330 -2.51 12.36 4.43
N GLU A 331 -2.92 13.61 4.38
CA GLU A 331 -4.31 13.97 4.65
C GLU A 331 -4.74 14.96 3.59
N PRO A 332 -6.04 15.06 3.32
CA PRO A 332 -6.40 16.04 2.29
C PRO A 332 -6.45 17.42 2.88
N ASP A 333 -6.15 18.42 2.05
CA ASP A 333 -6.16 19.82 2.45
C ASP A 333 -7.35 20.53 1.79
N TYR A 334 -8.29 20.98 2.63
CA TYR A 334 -9.52 21.66 2.17
C TYR A 334 -9.44 23.18 2.14
N ASN A 335 -8.29 23.74 2.49
CA ASN A 335 -8.14 25.18 2.50
C ASN A 335 -8.34 25.81 1.12
N GLY A 336 -8.90 27.02 1.10
CA GLY A 336 -9.13 27.74 -0.13
C GLY A 336 -7.83 27.97 -0.88
N TYR A 337 -7.89 28.04 -2.21
CA TYR A 337 -6.69 28.25 -3.03
C TYR A 337 -7.00 29.10 -4.26
N ILE A 338 -8.28 29.43 -4.48
CA ILE A 338 -8.66 30.24 -5.65
C ILE A 338 -9.95 31.03 -5.47
N TRP A 339 -9.95 32.30 -5.89
CA TRP A 339 -11.19 33.06 -5.83
C TRP A 339 -12.09 32.55 -6.94
N ARG A 340 -13.22 31.96 -6.57
CA ARG A 340 -14.18 31.46 -7.54
C ARG A 340 -15.27 32.49 -7.83
N LEU A 341 -15.66 32.60 -9.09
CA LEU A 341 -16.75 33.50 -9.48
C LEU A 341 -18.05 32.74 -9.30
N ASP A 342 -18.84 33.10 -8.30
CA ASP A 342 -20.07 32.37 -8.06
C ASP A 342 -21.12 32.79 -9.06
N THR A 343 -21.20 34.10 -9.28
CA THR A 343 -22.15 34.58 -10.26
C THR A 343 -21.83 36.02 -10.68
N LYS A 344 -21.74 36.19 -12.01
CA LYS A 344 -21.41 37.48 -12.59
C LYS A 344 -22.55 38.47 -12.45
N ASP A 345 -22.18 39.72 -12.27
CA ASP A 345 -23.15 40.77 -12.14
C ASP A 345 -23.99 40.84 -13.42
N ARG A 346 -25.31 40.77 -13.28
CA ARG A 346 -26.24 40.83 -14.40
C ARG A 346 -27.59 41.29 -13.87
N ASN A 347 -28.46 41.79 -14.72
CA ASN A 347 -29.75 42.26 -14.25
C ASN A 347 -30.90 41.35 -14.57
N GLN A 348 -31.14 40.43 -13.64
CA GLN A 348 -32.23 39.48 -13.68
C GLN A 348 -32.18 38.69 -12.41
N LEU A 349 -33.21 37.91 -12.11
CA LEU A 349 -33.22 37.14 -10.89
C LEU A 349 -32.03 36.16 -10.85
N PRO A 350 -31.65 35.71 -9.63
CA PRO A 350 -30.52 34.77 -9.52
C PRO A 350 -31.02 33.39 -9.90
N ARG A 351 -30.10 32.45 -10.10
CA ARG A 351 -30.50 31.09 -10.48
C ARG A 351 -31.31 30.42 -9.35
N ASN A 352 -32.17 29.49 -9.74
CA ASN A 352 -33.02 28.75 -8.83
C ASN A 352 -33.77 29.65 -7.89
N PHE A 353 -34.26 30.76 -8.42
CA PHE A 353 -35.04 31.67 -7.59
C PHE A 353 -36.46 31.17 -7.49
N ARG A 354 -37.07 31.31 -6.31
CA ARG A 354 -38.45 30.90 -6.14
C ARG A 354 -39.04 31.42 -4.85
N THR A 355 -40.35 31.55 -4.87
CA THR A 355 -41.16 32.01 -3.76
C THR A 355 -42.17 30.92 -3.45
N MET A 356 -42.77 30.96 -2.26
CA MET A 356 -43.78 29.97 -1.92
C MET A 356 -45.07 30.26 -2.70
N ASN A 357 -45.03 31.29 -3.54
CA ASN A 357 -46.16 31.66 -4.38
C ASN A 357 -45.81 31.46 -5.84
N SER A 358 -44.73 30.72 -6.08
CA SER A 358 -44.27 30.43 -7.42
C SER A 358 -44.98 29.19 -7.98
N ALA A 359 -44.93 29.04 -9.29
CA ALA A 359 -45.55 27.90 -9.94
C ALA A 359 -44.64 26.71 -9.87
N PHE A 360 -45.22 25.51 -9.86
CA PHE A 360 -44.41 24.31 -9.83
C PHE A 360 -43.58 24.26 -11.11
N ARG A 361 -42.55 23.42 -11.11
CA ARG A 361 -41.66 23.32 -12.25
C ARG A 361 -42.20 22.42 -13.35
N THR A 362 -41.58 22.55 -14.51
CA THR A 362 -41.94 21.79 -15.70
C THR A 362 -40.97 20.64 -15.96
N ASP A 363 -39.70 20.89 -15.65
CA ASP A 363 -38.64 19.91 -15.85
C ASP A 363 -38.57 18.89 -14.71
N VAL A 364 -39.68 18.22 -14.40
CA VAL A 364 -39.63 17.23 -13.33
C VAL A 364 -38.79 16.02 -13.74
N ASN A 365 -38.20 15.34 -12.74
CA ASN A 365 -37.42 14.11 -12.95
C ASN A 365 -37.48 13.29 -11.70
N VAL A 366 -38.33 12.27 -11.72
CA VAL A 366 -38.54 11.42 -10.56
C VAL A 366 -37.28 10.70 -10.11
N LYS A 367 -36.29 10.57 -10.99
CA LYS A 367 -35.06 9.89 -10.60
C LYS A 367 -34.24 10.73 -9.61
N LYS A 368 -34.53 12.03 -9.56
CA LYS A 368 -33.84 12.93 -8.65
C LYS A 368 -34.67 13.22 -7.41
N THR A 369 -35.74 12.46 -7.21
CA THR A 369 -36.57 12.63 -6.01
C THR A 369 -36.24 11.51 -5.04
N GLY A 370 -37.21 11.07 -4.23
CA GLY A 370 -36.93 10.01 -3.28
C GLY A 370 -38.14 9.62 -2.46
N LYS A 371 -37.93 8.93 -1.37
CA LYS A 371 -39.03 8.50 -0.52
C LYS A 371 -40.07 9.61 -0.31
N GLY A 372 -41.32 9.30 -0.66
CA GLY A 372 -42.46 10.20 -0.48
C GLY A 372 -42.77 11.26 -1.53
N PHE A 373 -42.12 11.20 -2.69
CA PHE A 373 -42.37 12.24 -3.69
C PHE A 373 -43.63 12.07 -4.51
N THR A 374 -44.65 12.84 -4.19
CA THR A 374 -45.86 12.81 -5.00
C THR A 374 -45.80 14.05 -5.88
N PRO A 375 -46.25 13.93 -7.14
CA PRO A 375 -46.19 15.15 -7.97
C PRO A 375 -47.30 16.13 -7.68
N THR A 376 -48.11 15.84 -6.67
CA THR A 376 -49.24 16.70 -6.33
C THR A 376 -49.40 16.93 -4.81
N PRO A 377 -48.46 17.66 -4.19
CA PRO A 377 -48.56 17.93 -2.74
C PRO A 377 -49.66 18.98 -2.44
N THR A 378 -50.20 18.93 -1.23
CA THR A 378 -51.28 19.82 -0.76
C THR A 378 -51.09 21.30 -1.11
N ARG A 379 -49.91 21.85 -0.87
CA ARG A 379 -49.63 23.27 -1.16
C ARG A 379 -50.33 24.22 -0.18
N LYS A 380 -50.72 23.71 0.98
CA LYS A 380 -51.40 24.53 1.98
C LYS A 380 -50.49 25.11 3.04
N GLY A 381 -50.76 26.36 3.41
CA GLY A 381 -49.94 27.04 4.40
C GLY A 381 -48.85 27.81 3.69
N LEU A 382 -48.77 27.60 2.38
CA LEU A 382 -47.76 28.24 1.56
C LEU A 382 -47.95 29.76 1.45
N ASP A 383 -49.20 30.23 1.37
CA ASP A 383 -49.43 31.66 1.23
C ASP A 383 -49.12 32.42 2.53
N THR A 384 -49.19 31.72 3.65
CA THR A 384 -48.90 32.32 4.95
C THR A 384 -47.43 32.08 5.30
N LEU A 385 -46.76 31.29 4.47
CA LEU A 385 -45.35 30.98 4.63
C LEU A 385 -44.58 32.00 3.85
N TYR A 386 -44.03 32.97 4.55
CA TYR A 386 -43.30 34.02 3.88
C TYR A 386 -41.84 33.61 3.69
N MET A 387 -41.62 32.84 2.63
CA MET A 387 -40.30 32.28 2.36
C MET A 387 -39.95 32.18 0.88
N SER A 388 -38.71 32.53 0.57
CA SER A 388 -38.18 32.42 -0.78
C SER A 388 -36.77 31.79 -0.73
N GLY A 389 -36.19 31.48 -1.88
CA GLY A 389 -34.88 30.87 -1.90
C GLY A 389 -34.20 30.99 -3.26
N SER A 390 -32.89 30.92 -3.28
CA SER A 390 -32.17 31.03 -4.53
C SER A 390 -30.70 30.71 -4.34
N ALA A 391 -29.96 30.77 -5.44
CA ALA A 391 -28.54 30.60 -5.44
C ALA A 391 -27.92 31.93 -5.01
N GLU A 392 -26.59 31.97 -4.89
CA GLU A 392 -25.92 33.21 -4.52
C GLU A 392 -26.31 34.30 -5.53
N PHE A 393 -26.21 35.56 -5.11
CA PHE A 393 -26.56 36.64 -6.01
C PHE A 393 -25.52 37.74 -6.05
N SER A 394 -25.35 38.31 -7.24
CA SER A 394 -24.46 39.45 -7.43
C SER A 394 -25.29 40.70 -7.15
N ASN A 395 -24.68 41.88 -7.29
CA ASN A 395 -25.37 43.14 -7.07
C ASN A 395 -26.59 43.32 -7.98
N GLY A 396 -26.46 42.97 -9.26
CA GLY A 396 -27.57 43.13 -10.18
C GLY A 396 -28.69 42.15 -9.92
N GLU A 397 -28.34 40.97 -9.48
CA GLU A 397 -29.36 39.97 -9.21
C GLU A 397 -30.14 40.33 -7.94
N LEU A 398 -29.50 41.09 -7.05
CA LEU A 398 -30.15 41.51 -5.81
C LEU A 398 -31.13 42.66 -6.10
N GLN A 399 -30.73 43.57 -7.00
CA GLN A 399 -31.62 44.68 -7.38
C GLN A 399 -32.89 44.07 -7.97
N ALA A 400 -32.73 43.07 -8.83
CA ALA A 400 -33.85 42.42 -9.48
C ALA A 400 -34.81 41.73 -8.50
N MET A 401 -34.27 41.26 -7.36
CA MET A 401 -35.10 40.57 -6.36
C MET A 401 -36.00 41.52 -5.54
N LEU A 402 -35.49 42.70 -5.21
CA LEU A 402 -36.19 43.67 -4.36
C LEU A 402 -37.66 43.91 -4.77
N PRO A 403 -37.91 44.30 -6.02
CA PRO A 403 -39.29 44.53 -6.41
C PRO A 403 -40.17 43.30 -6.21
N VAL A 404 -39.68 42.13 -6.62
CA VAL A 404 -40.44 40.90 -6.49
C VAL A 404 -40.76 40.57 -5.03
N LEU A 405 -39.78 40.78 -4.16
CA LEU A 405 -39.97 40.50 -2.75
C LEU A 405 -40.82 41.57 -2.06
N LYS A 406 -40.61 42.84 -2.41
CA LYS A 406 -41.40 43.88 -1.77
C LYS A 406 -42.90 43.67 -2.04
N GLN A 407 -43.24 43.33 -3.28
CA GLN A 407 -44.63 43.13 -3.66
C GLN A 407 -45.28 41.93 -2.97
N GLN A 408 -44.49 40.92 -2.63
CA GLN A 408 -45.04 39.71 -1.99
C GLN A 408 -44.99 39.74 -0.48
N ALA A 409 -43.94 40.37 0.06
CA ALA A 409 -43.72 40.45 1.50
C ALA A 409 -44.74 41.32 2.23
N LYS A 410 -44.86 41.05 3.53
CA LYS A 410 -45.76 41.74 4.44
C LYS A 410 -45.08 41.98 5.78
N GLY A 411 -43.76 42.19 5.73
CA GLY A 411 -42.98 42.44 6.93
C GLY A 411 -41.48 42.47 6.66
N PRO A 412 -40.66 42.60 7.71
CA PRO A 412 -39.20 42.65 7.52
C PRO A 412 -38.60 41.46 6.75
N ILE A 413 -37.98 41.78 5.61
CA ILE A 413 -37.37 40.81 4.71
C ILE A 413 -35.95 40.47 5.13
N TYR A 414 -35.69 39.19 5.41
CA TYR A 414 -34.36 38.76 5.81
C TYR A 414 -33.66 37.92 4.75
N ILE A 415 -32.39 38.23 4.49
CA ILE A 415 -31.63 37.37 3.60
C ILE A 415 -30.87 36.39 4.50
N MET A 416 -31.18 35.11 4.40
CA MET A 416 -30.51 34.11 5.21
C MET A 416 -29.36 33.46 4.43
N ASP A 417 -28.15 33.97 4.64
CA ASP A 417 -26.97 33.43 4.02
C ASP A 417 -26.50 32.18 4.80
N LEU A 418 -26.64 31.00 4.20
CA LEU A 418 -26.29 29.72 4.82
C LEU A 418 -24.90 29.24 4.46
N ARG A 419 -24.02 30.13 4.04
CA ARG A 419 -22.71 29.67 3.61
C ARG A 419 -21.58 29.73 4.66
N GLN A 420 -20.95 28.58 4.91
CA GLN A 420 -19.80 28.53 5.80
C GLN A 420 -18.56 29.01 5.06
N GLU A 421 -18.51 28.81 3.75
CA GLU A 421 -17.33 29.22 3.01
C GLU A 421 -17.21 30.74 2.95
N THR A 422 -15.99 31.24 2.88
CA THR A 422 -15.78 32.68 2.78
C THR A 422 -16.24 33.18 1.43
N HIS A 423 -17.14 34.15 1.41
CA HIS A 423 -17.58 34.70 0.15
C HIS A 423 -17.81 36.20 0.28
N GLY A 424 -18.02 36.86 -0.85
CA GLY A 424 -18.22 38.28 -0.86
C GLY A 424 -18.56 38.79 -2.22
N VAL A 425 -18.35 40.10 -2.40
CA VAL A 425 -18.68 40.78 -3.64
C VAL A 425 -17.46 41.53 -4.21
N PHE A 426 -17.08 41.17 -5.43
CA PHE A 426 -15.94 41.80 -6.10
C PHE A 426 -16.46 42.55 -7.30
N ASN A 427 -16.31 43.87 -7.32
CA ASN A 427 -16.80 44.66 -8.44
C ASN A 427 -18.24 44.30 -8.80
N GLY A 428 -19.09 44.05 -7.80
CA GLY A 428 -20.48 43.70 -8.11
C GLY A 428 -20.78 42.23 -8.38
N ASN A 429 -19.72 41.44 -8.53
CA ASN A 429 -19.80 40.01 -8.77
C ASN A 429 -19.66 39.21 -7.48
N ALA A 430 -20.46 38.16 -7.34
CA ALA A 430 -20.37 37.33 -6.16
C ALA A 430 -19.20 36.36 -6.28
N VAL A 431 -18.22 36.46 -5.39
CA VAL A 431 -17.07 35.57 -5.40
C VAL A 431 -16.98 34.78 -4.08
N SER A 432 -16.14 33.74 -4.05
CA SER A 432 -15.94 32.91 -2.87
C SER A 432 -14.54 32.29 -2.90
N TRP A 433 -13.96 32.09 -1.72
CA TRP A 433 -12.63 31.49 -1.61
C TRP A 433 -12.86 29.99 -1.61
N TYR A 434 -12.45 29.37 -2.70
CA TYR A 434 -12.73 27.96 -2.91
C TYR A 434 -11.60 27.00 -2.55
N GLY A 435 -11.97 26.00 -1.75
CA GLY A 435 -11.02 24.96 -1.36
C GLY A 435 -11.63 23.65 -1.85
N LEU A 436 -10.83 22.58 -1.88
CA LEU A 436 -11.34 21.27 -2.30
C LEU A 436 -12.72 21.05 -1.69
N ARG A 437 -13.65 20.49 -2.47
CA ARG A 437 -15.02 20.23 -2.00
C ARG A 437 -15.73 21.48 -1.45
N ASP A 438 -15.23 22.67 -1.76
CA ASP A 438 -15.84 23.90 -1.22
C ASP A 438 -15.87 23.87 0.30
N TRP A 439 -14.87 23.23 0.90
CA TRP A 439 -14.79 23.13 2.35
C TRP A 439 -13.71 24.03 2.92
N GLY A 440 -13.55 25.22 2.39
CA GLY A 440 -12.49 26.10 2.88
C GLY A 440 -12.54 26.50 4.35
N ASN A 441 -13.72 26.47 4.97
CA ASN A 441 -13.78 26.88 6.38
C ASN A 441 -14.21 25.73 7.29
N LEU A 442 -14.10 24.50 6.80
CA LEU A 442 -14.47 23.34 7.61
C LEU A 442 -13.74 23.37 8.96
N GLY A 443 -14.49 23.15 10.03
CA GLY A 443 -13.90 23.13 11.37
C GLY A 443 -13.85 24.47 12.08
N LYS A 444 -14.07 25.56 11.37
CA LYS A 444 -14.05 26.87 12.00
C LYS A 444 -15.40 27.18 12.64
N ASN A 445 -15.40 27.99 13.70
CA ASN A 445 -16.65 28.40 14.32
C ASN A 445 -17.15 29.63 13.60
N LYS A 446 -18.35 30.10 13.91
CA LYS A 446 -18.87 31.25 13.17
C LYS A 446 -17.94 32.45 13.22
N ALA A 447 -17.43 32.77 14.41
CA ALA A 447 -16.55 33.93 14.53
C ALA A 447 -15.25 33.78 13.74
N GLU A 448 -14.71 32.56 13.65
CA GLU A 448 -13.48 32.38 12.88
C GLU A 448 -13.76 32.57 11.38
N VAL A 449 -14.95 32.18 10.93
CA VAL A 449 -15.37 32.34 9.54
C VAL A 449 -15.42 33.82 9.20
N LEU A 450 -16.18 34.58 9.98
CA LEU A 450 -16.29 36.02 9.75
C LEU A 450 -14.91 36.69 9.75
N LYS A 451 -14.02 36.29 10.67
CA LYS A 451 -12.71 36.90 10.70
C LYS A 451 -11.93 36.55 9.44
N ASP A 452 -12.10 35.31 8.95
CA ASP A 452 -11.41 34.89 7.74
C ASP A 452 -11.98 35.68 6.54
N GLU A 453 -13.30 35.72 6.47
CA GLU A 453 -14.02 36.42 5.40
C GLU A 453 -13.60 37.89 5.32
N ASN A 454 -13.69 38.61 6.43
CA ASN A 454 -13.31 40.01 6.39
C ASN A 454 -11.86 40.22 6.01
N SER A 455 -11.00 39.34 6.51
CA SER A 455 -9.58 39.44 6.26
C SER A 455 -9.21 39.23 4.77
N ARG A 456 -9.69 38.15 4.18
CA ARG A 456 -9.36 37.85 2.79
C ARG A 456 -9.98 38.85 1.83
N LEU A 457 -11.26 39.14 2.00
CA LEU A 457 -11.87 40.12 1.11
C LEU A 457 -11.05 41.41 1.14
N ASN A 458 -10.70 41.88 2.34
CA ASN A 458 -9.90 43.09 2.43
C ASN A 458 -8.57 42.93 1.70
N ALA A 459 -7.84 41.88 2.02
CA ALA A 459 -6.54 41.66 1.38
C ALA A 459 -6.64 41.66 -0.15
N ALA A 460 -7.85 41.53 -0.69
CA ALA A 460 -8.02 41.49 -2.15
C ALA A 460 -8.28 42.88 -2.73
N ARG A 461 -8.81 43.76 -1.90
CA ARG A 461 -9.11 45.11 -2.38
C ARG A 461 -7.96 45.73 -3.16
N GLY A 462 -8.21 46.04 -4.43
CA GLY A 462 -7.21 46.70 -5.26
C GLY A 462 -6.15 45.89 -5.97
N LYS A 463 -5.99 44.62 -5.61
CA LYS A 463 -4.97 43.81 -6.24
C LYS A 463 -5.44 43.21 -7.58
N SER A 464 -4.51 42.58 -8.29
CA SER A 464 -4.81 41.92 -9.56
C SER A 464 -4.86 40.42 -9.32
N LEU A 465 -6.07 39.87 -9.27
CA LEU A 465 -6.25 38.47 -8.94
C LEU A 465 -7.08 37.67 -9.93
N ILE A 466 -6.82 36.38 -9.93
CA ILE A 466 -7.59 35.49 -10.78
C ILE A 466 -8.92 35.23 -10.10
N VAL A 467 -9.99 35.51 -10.81
CA VAL A 467 -11.32 35.24 -10.32
C VAL A 467 -11.98 34.43 -11.40
N ALA A 468 -12.14 33.13 -11.21
CA ALA A 468 -12.65 32.34 -12.32
C ALA A 468 -13.84 31.50 -12.04
N GLU A 469 -14.58 31.22 -13.11
CA GLU A 469 -15.70 30.31 -13.03
C GLU A 469 -15.11 28.89 -13.12
N LEU A 470 -15.68 27.94 -12.39
CA LEU A 470 -15.16 26.57 -12.41
C LEU A 470 -16.01 25.67 -13.28
N ASP A 471 -15.36 24.74 -13.97
CA ASP A 471 -16.08 23.81 -14.83
C ASP A 471 -16.60 22.61 -14.06
N LYS A 472 -17.13 21.64 -14.78
CA LYS A 472 -17.67 20.42 -14.19
C LYS A 472 -16.69 19.71 -13.24
N ASP A 473 -15.39 19.83 -13.51
CA ASP A 473 -14.36 19.19 -12.68
C ASP A 473 -13.72 20.15 -11.66
N LYS A 474 -14.28 21.34 -11.51
CA LYS A 474 -13.78 22.34 -10.56
C LYS A 474 -12.44 22.97 -10.98
N MET A 475 -12.08 22.89 -12.24
CA MET A 475 -10.87 23.55 -12.70
C MET A 475 -11.28 24.89 -13.29
N PRO A 476 -10.46 25.94 -13.14
CA PRO A 476 -10.86 27.24 -13.68
C PRO A 476 -11.04 27.30 -15.18
N ILE A 477 -11.97 28.15 -15.61
CA ILE A 477 -12.24 28.34 -17.04
C ILE A 477 -11.61 29.65 -17.54
N ASP A 478 -10.78 29.53 -18.57
CA ASP A 478 -10.09 30.66 -19.20
C ASP A 478 -9.78 31.73 -18.17
N PRO A 479 -9.00 31.37 -17.13
CA PRO A 479 -8.61 32.30 -16.07
C PRO A 479 -7.65 33.38 -16.54
N LYS A 480 -7.91 34.60 -16.11
CA LYS A 480 -7.08 35.78 -16.42
C LYS A 480 -7.18 36.73 -15.23
N PRO A 481 -6.06 37.34 -14.81
CA PRO A 481 -6.09 38.26 -13.66
C PRO A 481 -7.01 39.44 -13.91
N VAL A 482 -7.55 40.02 -12.84
CA VAL A 482 -8.44 41.16 -12.98
C VAL A 482 -8.28 42.08 -11.79
N LYS A 483 -8.34 43.40 -12.04
CA LYS A 483 -8.20 44.37 -10.96
C LYS A 483 -9.49 44.46 -10.16
N ILE A 484 -9.36 44.27 -8.86
CA ILE A 484 -10.50 44.32 -7.97
C ILE A 484 -10.70 45.76 -7.56
N GLU A 485 -11.71 46.41 -8.13
CA GLU A 485 -11.98 47.82 -7.83
C GLU A 485 -12.68 47.96 -6.48
N SER A 486 -13.83 47.31 -6.35
CA SER A 486 -14.59 47.37 -5.10
C SER A 486 -14.74 45.99 -4.47
N VAL A 487 -14.81 45.99 -3.14
CA VAL A 487 -14.92 44.79 -2.36
C VAL A 487 -15.80 45.01 -1.13
N MET A 488 -16.88 44.23 -1.03
CA MET A 488 -17.74 44.30 0.15
C MET A 488 -18.30 42.91 0.49
N THR A 489 -18.70 42.76 1.75
CA THR A 489 -19.27 41.51 2.22
C THR A 489 -20.69 41.40 1.70
N GLU A 490 -21.26 40.21 1.71
CA GLU A 490 -22.63 40.14 1.26
C GLU A 490 -23.53 40.96 2.22
N GLN A 491 -23.16 41.01 3.51
CA GLN A 491 -23.95 41.77 4.48
C GLN A 491 -23.99 43.26 4.13
N GLN A 492 -22.86 43.84 3.75
CA GLN A 492 -22.85 45.25 3.41
C GLN A 492 -23.73 45.50 2.18
N LEU A 493 -23.67 44.58 1.23
CA LEU A 493 -24.47 44.70 0.02
C LEU A 493 -25.96 44.60 0.33
N VAL A 494 -26.33 43.70 1.23
CA VAL A 494 -27.73 43.53 1.59
C VAL A 494 -28.27 44.71 2.41
N GLU A 495 -27.52 45.12 3.42
CA GLU A 495 -28.00 46.21 4.27
C GLU A 495 -28.02 47.55 3.54
N LYS A 496 -27.07 47.76 2.64
CA LYS A 496 -27.02 48.98 1.84
C LYS A 496 -28.28 49.12 0.98
N ASN A 497 -28.93 47.99 0.72
CA ASN A 497 -30.16 47.98 -0.06
C ASN A 497 -31.40 47.87 0.81
N GLY A 498 -31.24 48.17 2.09
CA GLY A 498 -32.37 48.14 3.00
C GLY A 498 -32.97 46.81 3.44
N LEU A 499 -32.22 45.72 3.37
CA LEU A 499 -32.75 44.44 3.82
C LEU A 499 -32.00 44.04 5.09
N HIS A 500 -32.47 43.01 5.78
CA HIS A 500 -31.76 42.56 6.98
C HIS A 500 -30.92 41.33 6.63
N TYR A 501 -30.07 40.87 7.53
CA TYR A 501 -29.22 39.74 7.15
C TYR A 501 -28.84 38.86 8.31
N TYR A 502 -28.88 37.55 8.10
CA TYR A 502 -28.50 36.63 9.11
C TYR A 502 -27.68 35.52 8.50
N ARG A 503 -26.49 35.31 9.07
CA ARG A 503 -25.55 34.31 8.61
C ARG A 503 -25.53 33.04 9.48
N ILE A 504 -25.63 31.89 8.81
CA ILE A 504 -25.49 30.58 9.44
C ILE A 504 -24.39 29.89 8.61
N ALA A 505 -23.25 29.60 9.23
CA ALA A 505 -22.13 29.01 8.51
C ALA A 505 -22.25 27.49 8.34
N ALA A 506 -23.14 27.06 7.47
CA ALA A 506 -23.31 25.64 7.23
C ALA A 506 -22.35 25.17 6.14
N THR A 507 -21.71 24.04 6.42
CA THR A 507 -20.75 23.41 5.50
C THR A 507 -21.45 22.92 4.26
N ASP A 508 -20.85 23.18 3.10
CA ASP A 508 -21.43 22.76 1.84
C ASP A 508 -21.50 21.21 1.73
N HIS A 509 -22.55 20.68 1.10
CA HIS A 509 -22.73 19.24 0.82
C HIS A 509 -23.20 18.39 1.98
N ILE A 510 -23.33 18.94 3.17
CA ILE A 510 -23.75 18.05 4.23
C ILE A 510 -24.98 18.51 4.98
N TRP A 511 -25.55 17.56 5.70
CA TRP A 511 -26.69 17.87 6.53
C TRP A 511 -26.30 18.95 7.54
N PRO A 512 -27.11 20.02 7.66
CA PRO A 512 -26.81 21.12 8.60
C PRO A 512 -26.54 20.57 10.00
N SER A 513 -25.50 21.09 10.67
CA SER A 513 -25.12 20.60 11.98
C SER A 513 -26.14 20.98 13.04
N ALA A 514 -26.12 20.23 14.13
CA ALA A 514 -27.03 20.42 15.25
C ALA A 514 -27.01 21.85 15.73
N ALA A 515 -25.82 22.37 15.99
CA ALA A 515 -25.71 23.76 16.43
C ALA A 515 -26.30 24.72 15.39
N ASN A 516 -26.05 24.44 14.12
CA ASN A 516 -26.55 25.30 13.05
C ASN A 516 -28.06 25.27 12.93
N ILE A 517 -28.67 24.11 13.14
CA ILE A 517 -30.12 24.05 13.05
C ILE A 517 -30.73 24.79 14.25
N ASP A 518 -30.11 24.66 15.42
CA ASP A 518 -30.66 25.35 16.59
C ASP A 518 -30.49 26.84 16.46
N GLU A 519 -29.35 27.27 15.91
CA GLU A 519 -29.13 28.69 15.74
C GLU A 519 -30.25 29.26 14.87
N PHE A 520 -30.82 28.41 14.01
CA PHE A 520 -31.91 28.82 13.16
C PHE A 520 -33.21 28.89 13.94
N ILE A 521 -33.52 27.84 14.68
CA ILE A 521 -34.75 27.84 15.45
C ILE A 521 -34.72 29.03 16.44
N ASN A 522 -33.59 29.26 17.10
CA ASN A 522 -33.52 30.38 18.03
C ASN A 522 -33.87 31.68 17.32
N PHE A 523 -33.22 31.91 16.17
CA PHE A 523 -33.47 33.10 15.38
C PHE A 523 -34.96 33.29 15.08
N THR A 524 -35.70 32.20 14.84
CA THR A 524 -37.12 32.32 14.53
C THR A 524 -37.95 32.69 15.76
N ARG A 525 -37.39 32.53 16.95
CA ARG A 525 -38.13 32.84 18.17
C ARG A 525 -38.34 34.35 18.28
N THR A 526 -37.27 35.09 18.04
CA THR A 526 -37.25 36.54 18.17
C THR A 526 -37.43 37.31 16.85
N MET A 527 -37.53 36.64 15.73
CA MET A 527 -37.67 37.38 14.48
C MET A 527 -38.95 38.18 14.48
N PRO A 528 -38.96 39.31 13.74
CA PRO A 528 -40.14 40.18 13.66
C PRO A 528 -41.41 39.45 13.26
N ALA A 529 -42.51 40.14 13.47
CA ALA A 529 -43.84 39.66 13.18
C ALA A 529 -43.94 38.88 11.89
N ASN A 530 -44.21 39.56 10.78
CA ASN A 530 -44.38 38.85 9.53
C ASN A 530 -43.10 38.86 8.70
N ALA A 531 -42.01 38.44 9.34
CA ALA A 531 -40.73 38.40 8.68
C ALA A 531 -40.76 37.49 7.47
N TRP A 532 -40.13 37.95 6.40
CA TRP A 532 -39.99 37.19 5.16
C TRP A 532 -38.55 36.67 5.12
N LEU A 533 -38.40 35.36 4.93
CA LEU A 533 -37.06 34.77 4.92
C LEU A 533 -36.64 34.31 3.53
N HIS A 534 -35.58 34.91 2.99
CA HIS A 534 -35.03 34.47 1.69
C HIS A 534 -33.75 33.70 1.95
N PHE A 535 -33.81 32.38 1.76
CA PHE A 535 -32.63 31.51 1.99
C PHE A 535 -31.73 31.38 0.76
N HIS A 536 -30.45 31.14 0.98
CA HIS A 536 -29.53 30.95 -0.15
C HIS A 536 -28.16 30.42 0.27
N CYS A 537 -27.59 29.58 -0.59
CA CYS A 537 -26.25 29.06 -0.41
C CYS A 537 -25.48 29.39 -1.66
N GLN A 538 -24.72 28.45 -2.21
CA GLN A 538 -23.98 28.78 -3.41
C GLN A 538 -24.82 28.56 -4.66
N ALA A 539 -25.48 27.41 -4.75
CA ALA A 539 -26.31 27.09 -5.91
C ALA A 539 -27.83 27.15 -5.63
N GLY A 540 -28.23 27.17 -4.36
CA GLY A 540 -29.64 27.23 -4.04
C GLY A 540 -30.35 25.91 -4.10
N ALA A 541 -29.58 24.84 -3.89
CA ALA A 541 -30.11 23.47 -3.92
C ALA A 541 -29.95 22.76 -2.57
N GLY A 542 -28.72 22.39 -2.22
CA GLY A 542 -28.43 21.69 -0.97
C GLY A 542 -28.84 22.26 0.39
N ARG A 543 -28.08 23.23 0.90
CA ARG A 543 -28.37 23.82 2.20
C ARG A 543 -29.66 24.65 2.16
N THR A 544 -29.81 25.43 1.10
CA THR A 544 -30.99 26.26 0.92
C THR A 544 -32.27 25.46 1.05
N THR A 545 -32.37 24.38 0.29
CA THR A 545 -33.61 23.61 0.32
C THR A 545 -33.83 22.89 1.64
N ALA A 546 -32.75 22.47 2.29
CA ALA A 546 -32.88 21.75 3.57
C ALA A 546 -33.50 22.66 4.63
N TYR A 547 -33.05 23.92 4.68
CA TYR A 547 -33.58 24.88 5.64
C TYR A 547 -35.00 25.29 5.26
N MET A 548 -35.25 25.53 3.98
CA MET A 548 -36.59 25.90 3.61
C MET A 548 -37.53 24.78 4.01
N ALA A 549 -37.12 23.55 3.80
CA ALA A 549 -37.96 22.41 4.14
C ALA A 549 -38.20 22.36 5.64
N MET A 550 -37.16 22.57 6.42
CA MET A 550 -37.30 22.53 7.86
C MET A 550 -38.20 23.66 8.36
N TYR A 551 -38.04 24.85 7.80
CA TYR A 551 -38.88 25.98 8.21
C TYR A 551 -40.34 25.69 7.89
N ASP A 552 -40.55 25.14 6.70
CA ASP A 552 -41.85 24.78 6.20
C ASP A 552 -42.55 23.82 7.18
N MET A 553 -41.79 22.84 7.67
CA MET A 553 -42.33 21.86 8.61
C MET A 553 -42.66 22.52 9.94
N MET A 554 -41.78 23.39 10.41
CA MET A 554 -42.02 24.06 11.69
C MET A 554 -43.34 24.83 11.66
N LYS A 555 -43.59 25.54 10.56
CA LYS A 555 -44.80 26.34 10.42
C LYS A 555 -46.02 25.51 10.01
N ASN A 556 -45.80 24.32 9.44
CA ASN A 556 -46.94 23.53 9.00
C ASN A 556 -46.87 22.08 9.40
N PRO A 557 -46.91 21.81 10.72
CA PRO A 557 -46.85 20.44 11.23
C PRO A 557 -48.05 19.58 10.88
N ASP A 558 -48.94 20.11 10.05
CA ASP A 558 -50.14 19.40 9.62
C ASP A 558 -49.97 18.81 8.23
N VAL A 559 -48.92 19.24 7.54
CA VAL A 559 -48.62 18.72 6.21
C VAL A 559 -47.74 17.48 6.38
N SER A 560 -47.69 16.62 5.39
CA SER A 560 -46.86 15.43 5.55
C SER A 560 -45.45 15.64 5.04
N LEU A 561 -44.49 15.02 5.73
CA LEU A 561 -43.10 15.09 5.36
C LEU A 561 -42.96 14.89 3.86
N GLY A 562 -43.71 13.94 3.32
CA GLY A 562 -43.67 13.70 1.89
C GLY A 562 -44.16 14.89 1.08
N ASP A 563 -45.24 15.53 1.55
CA ASP A 563 -45.78 16.68 0.83
C ASP A 563 -44.80 17.87 0.92
N ILE A 564 -44.29 18.14 2.13
CA ILE A 564 -43.32 19.22 2.33
C ILE A 564 -42.15 19.11 1.36
N LEU A 565 -41.48 17.96 1.39
CA LEU A 565 -40.34 17.72 0.53
C LEU A 565 -40.73 17.79 -0.93
N SER A 566 -41.89 17.27 -1.24
CA SER A 566 -42.30 17.31 -2.62
C SER A 566 -42.53 18.76 -3.10
N ARG A 567 -43.23 19.56 -2.31
CA ARG A 567 -43.51 20.94 -2.70
C ARG A 567 -42.22 21.75 -2.82
N GLN A 568 -41.31 21.61 -1.86
CA GLN A 568 -40.03 22.33 -1.93
C GLN A 568 -39.23 21.98 -3.19
N TYR A 569 -39.35 20.74 -3.65
CA TYR A 569 -38.66 20.33 -4.87
C TYR A 569 -39.41 20.86 -6.10
N LEU A 570 -40.73 20.71 -6.05
CA LEU A 570 -41.54 21.20 -7.16
C LEU A 570 -41.38 22.71 -7.33
N LEU A 571 -41.23 23.43 -6.22
CA LEU A 571 -41.06 24.88 -6.33
C LEU A 571 -39.77 25.24 -7.02
N GLY A 572 -38.69 24.53 -6.71
CA GLY A 572 -37.44 24.86 -7.36
C GLY A 572 -36.19 24.40 -6.65
N GLY A 573 -36.33 23.74 -5.51
CA GLY A 573 -35.15 23.24 -4.81
C GLY A 573 -34.88 21.82 -5.27
N ASN A 574 -34.13 21.05 -4.49
CA ASN A 574 -33.90 19.67 -4.87
C ASN A 574 -34.70 18.78 -3.94
N TYR A 575 -34.56 17.47 -4.05
CA TYR A 575 -35.29 16.63 -3.11
C TYR A 575 -34.39 16.34 -1.89
N VAL A 576 -34.73 16.90 -0.74
CA VAL A 576 -33.91 16.72 0.46
C VAL A 576 -33.61 15.26 0.81
N ALA A 577 -34.53 14.36 0.53
CA ALA A 577 -34.34 12.95 0.84
C ALA A 577 -33.70 12.16 -0.33
N TYR A 578 -33.20 12.85 -1.34
CA TYR A 578 -32.58 12.17 -2.49
C TYR A 578 -31.38 11.29 -2.06
N GLU A 579 -31.26 10.11 -2.66
CA GLU A 579 -30.14 9.22 -2.39
C GLU A 579 -29.55 8.71 -3.71
N ILE A 580 -28.27 8.38 -3.75
CA ILE A 580 -27.70 7.89 -5.00
C ILE A 580 -28.08 6.41 -5.18
N ALA A 581 -28.71 6.11 -6.32
CA ALA A 581 -29.18 4.75 -6.65
C ALA A 581 -28.07 3.70 -6.67
N LYS A 582 -27.13 3.84 -7.60
CA LYS A 582 -26.01 2.90 -7.67
C LYS A 582 -24.68 3.64 -7.50
N PRO A 583 -24.25 3.81 -6.23
CA PRO A 583 -23.02 4.50 -5.84
C PRO A 583 -21.74 4.08 -6.58
N LYS A 584 -21.28 4.91 -7.51
CA LYS A 584 -20.05 4.61 -8.22
C LYS A 584 -18.86 4.99 -7.31
N PRO A 585 -17.66 4.46 -7.60
CA PRO A 585 -16.47 4.76 -6.78
C PRO A 585 -16.16 6.22 -6.46
N ASP A 586 -16.22 7.05 -7.50
CA ASP A 586 -15.89 8.48 -7.39
C ASP A 586 -17.00 9.36 -6.79
N GLN A 587 -18.14 8.78 -6.41
CA GLN A 587 -19.25 9.58 -5.86
C GLN A 587 -19.14 9.72 -4.34
N TRP A 588 -18.25 10.61 -3.90
CA TRP A 588 -18.00 10.82 -2.49
C TRP A 588 -19.19 11.36 -1.75
N LYS A 589 -20.14 11.97 -2.46
CA LYS A 589 -21.32 12.52 -1.79
C LYS A 589 -22.34 11.48 -1.33
N ALA A 590 -22.24 10.25 -1.82
CA ALA A 590 -23.19 9.18 -1.50
C ALA A 590 -23.57 9.11 -0.02
N ASP A 591 -22.59 8.99 0.87
CA ASP A 591 -22.91 8.87 2.28
C ASP A 591 -23.51 10.14 2.84
N TYR A 592 -23.18 11.28 2.24
CA TYR A 592 -23.71 12.51 2.78
C TYR A 592 -25.17 12.68 2.37
N TYR A 593 -25.52 12.20 1.17
CA TYR A 593 -26.92 12.25 0.74
C TYR A 593 -27.74 11.35 1.63
N HIS A 594 -27.19 10.18 1.95
CA HIS A 594 -27.86 9.24 2.84
C HIS A 594 -28.03 9.87 4.21
N GLN A 595 -27.03 10.60 4.69
CA GLN A 595 -27.15 11.23 5.99
C GLN A 595 -28.29 12.29 5.99
N LYS A 596 -28.46 13.01 4.88
N LYS A 596 -28.46 13.02 4.89
CA LYS A 596 -29.53 14.00 4.78
CA LYS A 596 -29.54 14.01 4.81
C LYS A 596 -30.89 13.30 4.77
C LYS A 596 -30.90 13.29 4.78
N ALA A 597 -31.00 12.27 3.94
CA ALA A 597 -32.23 11.50 3.82
C ALA A 597 -32.73 11.05 5.20
N HIS A 598 -31.80 10.60 6.03
CA HIS A 598 -32.11 10.11 7.36
C HIS A 598 -32.41 11.25 8.36
N MET A 599 -31.61 12.32 8.35
CA MET A 599 -31.84 13.40 9.30
C MET A 599 -33.03 14.29 8.96
N ILE A 600 -33.40 14.44 7.69
CA ILE A 600 -34.54 15.30 7.42
C ILE A 600 -35.79 14.66 7.99
N GLU A 601 -35.81 13.34 8.02
CA GLU A 601 -36.95 12.62 8.58
C GLU A 601 -36.94 12.73 10.11
N LYS A 602 -35.75 12.73 10.72
CA LYS A 602 -35.63 12.87 12.17
C LYS A 602 -36.04 14.26 12.58
N PHE A 603 -35.86 15.22 11.67
CA PHE A 603 -36.25 16.57 12.00
C PHE A 603 -37.75 16.70 11.99
N TYR A 604 -38.37 16.06 11.01
CA TYR A 604 -39.83 16.10 10.89
C TYR A 604 -40.47 15.57 12.17
N GLN A 605 -39.87 14.52 12.73
CA GLN A 605 -40.37 13.91 13.96
C GLN A 605 -40.08 14.81 15.16
N TYR A 606 -39.08 15.67 15.05
CA TYR A 606 -38.82 16.58 16.15
C TYR A 606 -39.87 17.66 16.15
N VAL A 607 -40.24 18.14 14.97
CA VAL A 607 -41.26 19.16 14.86
C VAL A 607 -42.60 18.64 15.35
N GLN A 608 -42.88 17.38 15.05
CA GLN A 608 -44.15 16.78 15.45
C GLN A 608 -44.31 16.72 16.96
N GLU A 609 -43.24 16.40 17.67
CA GLU A 609 -43.30 16.24 19.12
C GLU A 609 -42.88 17.47 19.91
N ASN A 610 -42.65 18.60 19.24
CA ASN A 610 -42.19 19.75 19.99
C ASN A 610 -42.76 21.08 19.54
N HIS A 611 -43.50 21.13 18.44
CA HIS A 611 -44.06 22.41 18.02
C HIS A 611 -45.11 22.87 19.03
N ALA A 612 -45.93 21.94 19.52
CA ALA A 612 -46.94 22.28 20.51
C ALA A 612 -46.34 23.13 21.61
N ASP A 613 -45.27 22.63 22.24
CA ASP A 613 -44.59 23.36 23.32
C ASP A 613 -44.09 24.73 22.84
N GLY A 614 -43.89 24.86 21.54
CA GLY A 614 -43.34 26.10 21.00
C GLY A 614 -41.83 25.86 20.91
N PHE A 615 -41.47 24.58 20.77
CA PHE A 615 -40.10 24.15 20.66
C PHE A 615 -39.28 24.51 21.89
N LYS A 616 -39.82 24.27 23.08
CA LYS A 616 -39.06 24.59 24.29
C LYS A 616 -37.88 23.65 24.39
N THR A 617 -38.04 22.45 23.85
CA THR A 617 -36.95 21.47 23.80
C THR A 617 -36.16 21.70 22.51
N SER A 618 -34.90 22.11 22.62
CA SER A 618 -34.09 22.35 21.44
C SER A 618 -33.77 21.07 20.68
N TRP A 619 -33.51 21.22 19.38
CA TRP A 619 -33.16 20.10 18.52
C TRP A 619 -31.94 19.36 19.06
N SER A 620 -30.94 20.06 19.58
CA SER A 620 -29.78 19.36 20.10
C SER A 620 -30.16 18.50 21.29
N GLN A 621 -30.96 19.06 22.20
CA GLN A 621 -31.41 18.34 23.41
C GLN A 621 -32.24 17.12 23.03
N TRP A 622 -33.15 17.30 22.08
CA TRP A 622 -34.01 16.23 21.62
C TRP A 622 -33.20 15.09 21.02
N LEU A 623 -32.09 15.43 20.36
CA LEU A 623 -31.23 14.40 19.77
C LEU A 623 -30.70 13.45 20.84
N ALA A 624 -30.70 13.88 22.10
CA ALA A 624 -30.30 13.00 23.20
C ALA A 624 -31.49 12.08 23.52
N ALA A 625 -31.92 11.33 22.49
CA ALA A 625 -33.04 10.40 22.56
C ALA A 625 -33.34 9.82 21.17
N PRO B 36 -13.77 -7.38 -31.00
CA PRO B 36 -13.06 -8.39 -30.15
C PRO B 36 -13.83 -8.57 -28.85
N ALA B 37 -13.52 -9.63 -28.10
CA ALA B 37 -14.24 -9.93 -26.85
C ALA B 37 -13.34 -10.39 -25.70
N VAL B 38 -13.79 -10.15 -24.47
CA VAL B 38 -13.03 -10.51 -23.27
C VAL B 38 -13.11 -11.98 -22.93
N VAL B 39 -11.98 -12.51 -22.49
CA VAL B 39 -11.84 -13.91 -22.09
C VAL B 39 -12.41 -14.10 -20.69
N LYS B 40 -13.32 -15.06 -20.55
CA LYS B 40 -13.95 -15.32 -19.25
C LYS B 40 -12.99 -15.95 -18.25
N ASN B 41 -12.00 -16.71 -18.71
CA ASN B 41 -11.07 -17.29 -17.76
C ASN B 41 -9.66 -17.38 -18.33
N PRO B 42 -8.88 -16.29 -18.24
CA PRO B 42 -7.51 -16.21 -18.75
C PRO B 42 -6.53 -17.01 -17.91
N PRO B 43 -5.42 -17.45 -18.51
CA PRO B 43 -4.44 -18.22 -17.75
C PRO B 43 -3.75 -17.25 -16.78
N LYS B 44 -3.24 -17.78 -15.68
CA LYS B 44 -2.56 -16.95 -14.70
C LYS B 44 -1.64 -15.94 -15.40
N LEU B 45 -0.73 -16.45 -16.23
CA LEU B 45 0.18 -15.61 -16.98
C LEU B 45 -0.13 -15.79 -18.45
N ALA B 46 -0.48 -14.72 -19.15
CA ALA B 46 -0.88 -14.90 -20.53
C ALA B 46 -0.16 -14.01 -21.52
N LEU B 47 0.43 -14.62 -22.54
CA LEU B 47 1.14 -13.86 -23.54
C LEU B 47 0.16 -13.05 -24.35
N LYS B 48 0.37 -11.74 -24.43
CA LYS B 48 -0.54 -10.91 -25.17
C LYS B 48 0.21 -9.83 -25.93
N ILE B 49 -0.51 -9.15 -26.81
CA ILE B 49 -0.01 -8.10 -27.68
C ILE B 49 0.01 -6.75 -26.95
N ASP B 50 1.14 -6.06 -26.99
CA ASP B 50 1.22 -4.76 -26.37
C ASP B 50 1.00 -3.69 -27.42
N ARG B 51 1.64 -3.82 -28.58
CA ARG B 51 1.53 -2.81 -29.64
C ARG B 51 1.69 -3.41 -31.03
N ALA B 52 0.62 -3.37 -31.84
CA ALA B 52 0.74 -3.84 -33.21
C ALA B 52 1.74 -2.90 -33.90
N ASP B 53 2.45 -3.39 -34.90
CA ASP B 53 3.47 -2.60 -35.57
C ASP B 53 2.88 -1.55 -36.49
N VAL B 54 2.92 -0.30 -36.07
CA VAL B 54 2.35 0.78 -36.87
C VAL B 54 3.29 1.96 -36.97
N ASN B 55 3.31 2.58 -38.15
CA ASN B 55 4.18 3.71 -38.42
C ASN B 55 3.63 5.02 -37.87
N GLN B 56 3.94 5.30 -36.61
CA GLN B 56 3.45 6.50 -35.95
C GLN B 56 4.06 6.66 -34.57
N LEU B 57 3.99 7.87 -34.03
CA LEU B 57 4.43 8.08 -32.67
C LEU B 57 3.57 7.21 -31.73
N PRO B 58 4.16 6.69 -30.65
CA PRO B 58 3.41 5.84 -29.71
C PRO B 58 2.50 6.72 -28.82
N ARG B 59 1.45 6.11 -28.27
CA ARG B 59 0.55 6.90 -27.41
C ARG B 59 1.27 7.59 -26.24
N ASN B 60 0.71 8.73 -25.85
CA ASN B 60 1.21 9.54 -24.75
C ASN B 60 2.64 10.01 -24.99
N PHE B 61 3.03 10.07 -26.26
CA PHE B 61 4.36 10.55 -26.59
C PHE B 61 4.44 12.03 -26.21
N ARG B 62 5.51 12.46 -25.59
CA ARG B 62 5.66 13.87 -25.22
C ARG B 62 7.12 14.18 -24.98
N MET B 63 7.46 15.46 -24.93
CA MET B 63 8.83 15.90 -24.75
C MET B 63 8.88 16.95 -23.68
N GLY B 64 9.98 17.01 -22.94
CA GLY B 64 10.08 17.99 -21.87
C GLY B 64 9.92 19.40 -22.36
N SER B 65 10.05 19.58 -23.67
CA SER B 65 9.92 20.92 -24.22
C SER B 65 8.52 21.22 -24.76
N ASP B 66 7.62 20.25 -24.77
CA ASP B 66 6.28 20.49 -25.27
C ASP B 66 5.63 21.67 -24.57
N LYS B 67 4.50 22.11 -25.12
CA LYS B 67 3.78 23.23 -24.53
C LYS B 67 2.71 22.73 -23.54
N TYR B 68 2.31 23.60 -22.64
CA TYR B 68 1.25 23.29 -21.68
C TYR B 68 -0.10 23.07 -22.39
N VAL B 69 -0.85 22.10 -21.89
CA VAL B 69 -2.20 21.83 -22.36
C VAL B 69 -3.08 21.75 -21.11
N GLY B 70 -4.10 22.62 -21.02
CA GLY B 70 -4.98 22.67 -19.85
C GLY B 70 -4.55 23.74 -18.84
N VAL B 71 -5.07 23.66 -17.60
CA VAL B 71 -4.72 24.63 -16.56
C VAL B 71 -4.45 23.95 -15.23
N THR B 72 -3.90 24.71 -14.28
CA THR B 72 -3.68 24.21 -12.94
C THR B 72 -4.96 24.57 -12.16
N LYS B 73 -5.08 24.06 -10.92
CA LYS B 73 -6.29 24.32 -10.14
C LYS B 73 -6.41 25.77 -9.70
N THR B 74 -5.27 26.46 -9.54
CA THR B 74 -5.25 27.86 -9.10
C THR B 74 -5.43 28.80 -10.27
N GLY B 75 -5.33 28.27 -11.47
CA GLY B 75 -5.43 29.11 -12.65
C GLY B 75 -4.08 29.71 -13.00
N ILE B 76 -3.12 29.66 -12.06
CA ILE B 76 -1.78 30.17 -12.27
C ILE B 76 -0.86 29.10 -12.88
N MET B 77 -0.16 29.46 -13.95
CA MET B 77 0.74 28.54 -14.65
C MET B 77 2.13 28.55 -14.04
N PRO B 78 2.79 27.38 -14.00
CA PRO B 78 4.13 27.27 -13.43
C PRO B 78 5.21 27.68 -14.44
N THR B 79 6.28 28.29 -13.95
CA THR B 79 7.38 28.70 -14.82
C THR B 79 7.86 27.54 -15.70
N ARG B 80 8.40 27.88 -16.86
CA ARG B 80 8.91 26.86 -17.77
C ARG B 80 10.42 26.81 -17.69
N LYS B 81 11.00 27.43 -16.68
CA LYS B 81 12.46 27.45 -16.53
C LYS B 81 13.10 26.05 -16.56
N GLY B 82 14.03 25.87 -17.48
CA GLY B 82 14.77 24.63 -17.60
C GLY B 82 14.13 23.53 -18.41
N MET B 83 12.85 23.68 -18.75
CA MET B 83 12.14 22.67 -19.50
C MET B 83 12.65 22.55 -20.93
N ASP B 84 13.38 23.57 -21.36
CA ASP B 84 13.90 23.65 -22.71
C ASP B 84 15.07 22.71 -22.97
N THR B 85 15.99 22.65 -22.01
CA THR B 85 17.22 21.87 -22.13
C THR B 85 17.25 20.58 -21.31
N MET B 86 16.18 19.81 -21.31
CA MET B 86 16.21 18.57 -20.54
C MET B 86 16.52 17.40 -21.44
N ASN B 87 16.28 17.58 -22.73
CA ASN B 87 16.53 16.53 -23.71
C ASN B 87 15.93 15.22 -23.23
N VAL B 88 14.62 15.23 -23.06
CA VAL B 88 13.90 14.06 -22.61
C VAL B 88 12.55 13.93 -23.30
N SER B 89 12.11 12.69 -23.42
CA SER B 89 10.82 12.36 -23.98
C SER B 89 10.26 11.18 -23.20
N ALA B 90 9.01 10.81 -23.43
CA ALA B 90 8.39 9.70 -22.74
C ALA B 90 7.20 9.18 -23.53
N SER B 91 6.78 7.96 -23.25
CA SER B 91 5.65 7.41 -23.97
C SER B 91 5.31 6.05 -23.44
N SER B 92 4.26 5.47 -23.98
CA SER B 92 3.87 4.14 -23.62
C SER B 92 4.89 3.20 -24.26
N CYS B 93 4.69 1.88 -24.13
CA CYS B 93 5.60 0.98 -24.79
C CYS B 93 5.35 1.14 -26.31
N PHE B 94 6.33 0.80 -27.13
CA PHE B 94 6.19 1.03 -28.57
C PHE B 94 6.53 -0.17 -29.42
N SER B 95 5.93 -0.21 -30.61
CA SER B 95 6.24 -1.26 -31.56
C SER B 95 7.54 -0.86 -32.25
N GLU B 96 8.13 -1.73 -33.05
CA GLU B 96 9.38 -1.33 -33.70
C GLU B 96 9.19 -0.12 -34.60
N LYS B 97 8.09 -0.07 -35.33
CA LYS B 97 7.84 1.07 -36.21
C LYS B 97 7.62 2.36 -35.41
N GLU B 98 7.03 2.24 -34.23
CA GLU B 98 6.83 3.43 -33.41
C GLU B 98 8.20 3.94 -32.87
N LEU B 99 9.13 3.02 -32.59
CA LEU B 99 10.48 3.44 -32.16
C LEU B 99 11.12 4.25 -33.29
N GLU B 100 10.98 3.76 -34.52
CA GLU B 100 11.54 4.47 -35.67
C GLU B 100 10.90 5.84 -35.76
N ALA B 101 9.59 5.90 -35.62
CA ALA B 101 8.97 7.21 -35.66
C ALA B 101 9.61 8.12 -34.60
N ILE B 102 9.86 7.63 -33.37
CA ILE B 102 10.49 8.42 -32.30
C ILE B 102 11.90 8.88 -32.67
N LEU B 103 12.74 7.94 -33.11
CA LEU B 103 14.12 8.26 -33.50
C LEU B 103 14.18 9.34 -34.61
N LYS B 104 13.28 9.20 -35.58
CA LYS B 104 13.20 10.16 -36.67
C LYS B 104 12.74 11.52 -36.17
N LYS B 105 11.95 11.51 -35.09
CA LYS B 105 11.34 12.69 -34.48
C LYS B 105 12.26 13.48 -33.51
N VAL B 106 12.97 12.82 -32.60
CA VAL B 106 13.83 13.52 -31.63
C VAL B 106 15.05 14.18 -32.29
N PRO B 107 15.50 15.33 -31.78
CA PRO B 107 16.64 16.02 -32.35
C PRO B 107 18.06 15.53 -32.04
N VAL B 108 18.32 14.24 -32.25
CA VAL B 108 19.64 13.67 -32.02
C VAL B 108 19.79 12.42 -32.86
N LYS B 109 20.96 11.81 -32.86
CA LYS B 109 21.15 10.59 -33.64
C LYS B 109 20.97 9.40 -32.74
N PRO B 110 20.62 8.25 -33.32
CA PRO B 110 20.42 7.05 -32.51
C PRO B 110 21.49 6.82 -31.43
N SER B 111 22.73 7.16 -31.75
CA SER B 111 23.84 6.98 -30.83
C SER B 111 23.74 7.85 -29.56
N GLN B 112 22.97 8.94 -29.59
CA GLN B 112 22.86 9.78 -28.39
C GLN B 112 21.51 9.60 -27.70
N PHE B 113 20.79 8.56 -28.15
CA PHE B 113 19.46 8.21 -27.67
C PHE B 113 19.49 7.02 -26.66
N TYR B 114 18.78 7.20 -25.55
CA TYR B 114 18.70 6.18 -24.49
C TYR B 114 17.25 5.80 -24.17
N ASP B 115 16.90 4.58 -24.55
CA ASP B 115 15.61 4.03 -24.26
C ASP B 115 15.65 3.54 -22.81
N VAL B 116 14.97 4.25 -21.89
CA VAL B 116 14.96 3.80 -20.49
C VAL B 116 13.69 3.01 -20.25
N ASP B 117 13.81 1.70 -20.34
CA ASP B 117 12.72 0.74 -20.20
C ASP B 117 12.46 0.48 -18.70
N LEU B 118 11.32 0.95 -18.19
CA LEU B 118 10.97 0.83 -16.78
C LEU B 118 10.10 -0.37 -16.50
N ARG B 119 9.92 -1.22 -17.49
CA ARG B 119 9.04 -2.34 -17.25
C ARG B 119 9.67 -3.53 -16.54
N GLY B 120 9.05 -3.91 -15.43
CA GLY B 120 9.51 -5.08 -14.69
C GLY B 120 8.84 -6.34 -15.27
N GLU B 121 7.67 -6.19 -15.90
CA GLU B 121 7.00 -7.35 -16.51
C GLU B 121 7.82 -7.88 -17.71
N SER B 122 7.77 -9.17 -17.97
CA SER B 122 8.55 -9.74 -19.07
C SER B 122 7.97 -9.31 -20.42
N HIS B 123 8.80 -8.75 -21.30
CA HIS B 123 8.31 -8.30 -22.59
C HIS B 123 9.32 -8.54 -23.69
N GLY B 124 8.87 -8.43 -24.94
CA GLY B 124 9.75 -8.65 -26.08
C GLY B 124 9.11 -8.31 -27.42
N TYR B 125 9.69 -8.81 -28.50
CA TYR B 125 9.18 -8.51 -29.84
C TYR B 125 9.10 -9.73 -30.77
N LEU B 126 7.95 -9.88 -31.39
CA LEU B 126 7.72 -10.89 -32.40
C LEU B 126 7.77 -10.05 -33.65
N ASN B 127 8.87 -10.14 -34.40
CA ASN B 127 9.05 -9.24 -35.54
C ASN B 127 9.03 -7.79 -34.99
N GLY B 128 8.13 -6.95 -35.47
CA GLY B 128 8.09 -5.59 -34.95
C GLY B 128 6.98 -5.37 -33.93
N THR B 129 6.30 -6.44 -33.55
CA THR B 129 5.19 -6.34 -32.62
C THR B 129 5.60 -6.55 -31.15
N ALA B 130 5.21 -5.61 -30.30
CA ALA B 130 5.51 -5.71 -28.86
C ALA B 130 4.57 -6.69 -28.20
N VAL B 131 5.11 -7.55 -27.36
CA VAL B 131 4.30 -8.50 -26.62
C VAL B 131 4.82 -8.61 -25.19
N SER B 132 3.99 -9.13 -24.30
CA SER B 132 4.41 -9.30 -22.91
C SER B 132 3.58 -10.34 -22.22
N TRP B 133 4.15 -10.89 -21.16
CA TRP B 133 3.46 -11.85 -20.37
C TRP B 133 2.69 -11.09 -19.28
N PHE B 134 1.35 -11.18 -19.35
CA PHE B 134 0.46 -10.45 -18.47
C PHE B 134 -0.23 -11.29 -17.39
N ALA B 135 -0.23 -10.71 -16.20
CA ALA B 135 -0.92 -11.30 -15.07
C ALA B 135 -1.74 -10.17 -14.46
N ASN B 136 -2.78 -10.52 -13.72
CA ASN B 136 -3.65 -9.50 -13.13
C ASN B 136 -2.85 -8.38 -12.49
N HIS B 137 -3.26 -7.16 -12.83
CA HIS B 137 -2.65 -5.90 -12.37
C HIS B 137 -1.28 -5.69 -12.99
N ASP B 138 -0.98 -6.49 -14.01
CA ASP B 138 0.29 -6.42 -14.68
C ASP B 138 1.44 -6.71 -13.70
N TRP B 139 1.27 -7.76 -12.90
CA TRP B 139 2.29 -8.17 -11.94
C TRP B 139 2.83 -9.55 -12.31
N GLY B 140 3.12 -9.70 -13.61
CA GLY B 140 3.65 -10.96 -14.12
C GLY B 140 4.87 -11.39 -13.35
N ASN B 141 5.72 -10.45 -12.94
CA ASN B 141 6.95 -10.77 -12.20
C ASN B 141 6.96 -10.25 -10.74
N ASP B 142 5.76 -10.13 -10.17
CA ASP B 142 5.55 -9.68 -8.78
C ASP B 142 6.60 -10.21 -7.82
N GLY B 143 7.29 -9.29 -7.14
CA GLY B 143 8.28 -9.66 -6.17
C GLY B 143 9.58 -10.27 -6.67
N ARG B 144 9.85 -10.26 -7.97
CA ARG B 144 11.12 -10.82 -8.42
C ARG B 144 12.22 -9.76 -8.45
N THR B 145 13.45 -10.17 -8.20
CA THR B 145 14.54 -9.21 -8.31
C THR B 145 14.98 -9.15 -9.77
N GLU B 146 15.77 -8.16 -10.13
CA GLU B 146 16.24 -8.02 -11.50
C GLU B 146 17.08 -9.23 -11.93
N ASP B 147 17.80 -9.83 -10.99
CA ASP B 147 18.65 -11.00 -11.25
C ASP B 147 17.88 -12.21 -11.75
N ILE B 148 16.62 -12.36 -11.32
CA ILE B 148 15.80 -13.47 -11.77
C ILE B 148 15.02 -13.10 -13.02
N ILE B 149 14.57 -11.84 -13.10
CA ILE B 149 13.73 -11.35 -14.19
C ILE B 149 14.41 -11.27 -15.55
N ILE B 150 15.55 -10.62 -15.64
CA ILE B 150 16.17 -10.48 -16.93
C ILE B 150 16.37 -11.83 -17.60
N PRO B 151 16.95 -12.81 -16.89
CA PRO B 151 17.14 -14.10 -17.54
C PRO B 151 15.83 -14.87 -17.76
N LEU B 152 14.84 -14.67 -16.90
CA LEU B 152 13.56 -15.35 -17.08
C LEU B 152 12.91 -14.88 -18.36
N GLU B 153 12.93 -13.57 -18.57
CA GLU B 153 12.38 -12.96 -19.76
C GLU B 153 13.12 -13.50 -21.00
N LYS B 154 14.45 -13.53 -20.93
CA LYS B 154 15.22 -14.07 -22.05
C LYS B 154 14.74 -15.52 -22.36
N GLU B 155 14.57 -16.34 -21.33
CA GLU B 155 14.11 -17.71 -21.54
C GLU B 155 12.64 -17.77 -22.02
N GLN B 156 11.82 -16.81 -21.61
CA GLN B 156 10.44 -16.80 -22.04
C GLN B 156 10.38 -16.48 -23.54
N LEU B 157 11.17 -15.49 -23.96
CA LEU B 157 11.23 -15.11 -25.35
C LEU B 157 11.85 -16.24 -26.18
N ALA B 158 12.84 -16.93 -25.62
CA ALA B 158 13.52 -18.01 -26.35
C ALA B 158 12.56 -19.16 -26.60
N SER B 159 11.68 -19.38 -25.64
CA SER B 159 10.71 -20.44 -25.76
C SER B 159 9.84 -20.24 -27.01
N LEU B 160 9.76 -19.01 -27.52
CA LEU B 160 8.97 -18.77 -28.72
C LEU B 160 9.79 -19.03 -29.99
N LYS B 161 11.11 -18.90 -29.88
CA LYS B 161 11.99 -19.12 -31.03
C LYS B 161 11.80 -20.53 -31.57
N GLY B 162 11.87 -20.67 -32.89
CA GLY B 162 11.70 -21.98 -33.49
C GLY B 162 10.35 -22.09 -34.16
N SER B 163 9.30 -21.73 -33.42
CA SER B 163 7.94 -21.75 -33.96
C SER B 163 7.82 -20.54 -34.88
N THR B 164 6.79 -20.53 -35.72
CA THR B 164 6.58 -19.45 -36.68
C THR B 164 5.18 -18.87 -36.54
N VAL B 165 4.33 -19.58 -35.79
CA VAL B 165 2.95 -19.18 -35.57
C VAL B 165 2.60 -19.21 -34.10
N LYS B 166 1.89 -18.18 -33.64
CA LYS B 166 1.45 -18.14 -32.26
C LYS B 166 0.10 -17.47 -32.12
N SER B 167 -0.76 -18.09 -31.31
CA SER B 167 -2.05 -17.50 -31.00
C SER B 167 -1.76 -16.60 -29.81
N ILE B 168 -1.83 -15.29 -30.04
CA ILE B 168 -1.53 -14.31 -29.00
C ILE B 168 -2.76 -13.48 -28.60
N TYR B 169 -3.11 -13.54 -27.32
CA TYR B 169 -4.25 -12.81 -26.78
C TYR B 169 -4.18 -11.34 -27.10
N ARG B 170 -5.34 -10.71 -27.23
CA ARG B 170 -5.38 -9.28 -27.48
C ARG B 170 -5.61 -8.58 -26.15
N PHE B 171 -5.58 -7.25 -26.10
CA PHE B 171 -5.69 -6.61 -24.79
C PHE B 171 -6.40 -5.26 -24.82
N ASP B 172 -7.33 -5.07 -23.88
CA ASP B 172 -8.05 -3.79 -23.79
C ASP B 172 -7.35 -2.85 -22.82
N ASP B 173 -6.74 -1.79 -23.35
CA ASP B 173 -5.99 -0.79 -22.57
C ASP B 173 -6.84 -0.05 -21.55
N LYS B 174 -8.07 0.27 -21.93
CA LYS B 174 -9.00 1.02 -21.09
C LYS B 174 -9.48 0.23 -19.86
N LYS B 175 -9.62 -1.10 -19.98
CA LYS B 175 -10.09 -1.91 -18.85
C LYS B 175 -9.01 -2.86 -18.31
N ASN B 176 -7.87 -2.91 -19.00
CA ASN B 176 -6.77 -3.79 -18.62
C ASN B 176 -7.25 -5.23 -18.39
N VAL B 177 -7.82 -5.80 -19.45
CA VAL B 177 -8.31 -7.19 -19.47
C VAL B 177 -7.88 -7.88 -20.76
N ILE B 178 -7.55 -9.17 -20.62
CA ILE B 178 -7.16 -10.03 -21.71
C ILE B 178 -8.34 -10.34 -22.67
N LEU B 179 -8.20 -9.96 -23.94
CA LEU B 179 -9.24 -10.16 -24.95
C LEU B 179 -8.95 -11.40 -25.81
N SER B 180 -9.87 -11.75 -26.71
CA SER B 180 -9.75 -12.95 -27.58
C SER B 180 -8.47 -12.95 -28.44
N PRO B 181 -7.80 -14.12 -28.53
CA PRO B 181 -6.57 -14.31 -29.31
C PRO B 181 -6.65 -14.23 -30.82
N VAL B 182 -5.52 -13.87 -31.40
CA VAL B 182 -5.32 -13.78 -32.83
C VAL B 182 -4.10 -14.59 -33.20
N TYR B 183 -3.97 -14.94 -34.47
CA TYR B 183 -2.81 -15.69 -34.87
C TYR B 183 -1.76 -14.73 -35.35
N VAL B 184 -0.60 -14.78 -34.71
CA VAL B 184 0.51 -13.92 -35.11
C VAL B 184 1.62 -14.78 -35.73
N ASN B 185 2.12 -14.29 -36.85
CA ASN B 185 3.20 -14.94 -37.59
C ASN B 185 4.44 -14.09 -37.51
N TYR B 186 5.55 -14.73 -37.19
CA TYR B 186 6.81 -14.01 -37.07
C TYR B 186 7.94 -14.91 -37.52
N ASN B 187 9.08 -14.29 -37.81
CA ASN B 187 10.29 -15.00 -38.21
C ASN B 187 11.45 -14.64 -37.28
N LYS B 188 11.27 -13.61 -36.45
CA LYS B 188 12.32 -13.20 -35.50
C LYS B 188 11.76 -12.84 -34.10
N VAL B 189 12.45 -13.31 -33.08
CA VAL B 189 12.10 -13.03 -31.69
C VAL B 189 13.22 -12.21 -31.07
N ARG B 190 12.87 -11.12 -30.41
CA ARG B 190 13.90 -10.25 -29.81
C ARG B 190 13.51 -9.62 -28.47
N THR B 191 14.52 -9.26 -27.67
CA THR B 191 14.31 -8.53 -26.43
C THR B 191 14.24 -7.07 -26.79
N GLU B 192 13.66 -6.23 -25.95
CA GLU B 192 13.64 -4.82 -26.29
C GLU B 192 15.06 -4.32 -26.48
N GLU B 193 16.00 -4.87 -25.74
CA GLU B 193 17.38 -4.42 -25.86
C GLU B 193 17.97 -4.76 -27.25
N GLU B 194 17.71 -5.96 -27.76
CA GLU B 194 18.21 -6.36 -29.08
C GLU B 194 17.57 -5.52 -30.17
N MET B 195 16.26 -5.31 -30.06
CA MET B 195 15.53 -4.55 -31.08
C MET B 195 16.03 -3.10 -31.14
N VAL B 196 16.21 -2.47 -29.98
CA VAL B 196 16.69 -1.08 -29.94
C VAL B 196 18.13 -0.91 -30.45
N LYS B 197 19.07 -1.74 -29.99
CA LYS B 197 20.43 -1.58 -30.47
C LYS B 197 20.52 -1.78 -31.99
N GLN B 198 19.68 -2.63 -32.57
CA GLN B 198 19.71 -2.84 -34.00
C GLN B 198 19.34 -1.57 -34.75
N HIS B 199 18.79 -0.60 -34.02
CA HIS B 199 18.44 0.68 -34.62
C HIS B 199 19.47 1.71 -34.23
N GLY B 200 20.59 1.23 -33.68
CA GLY B 200 21.70 2.08 -33.29
C GLY B 200 21.54 2.94 -32.07
N ALA B 201 20.59 2.59 -31.20
CA ALA B 201 20.36 3.38 -29.99
C ALA B 201 20.86 2.64 -28.74
N ASN B 202 20.78 3.31 -27.59
CA ASN B 202 21.21 2.76 -26.32
C ASN B 202 20.03 2.31 -25.47
N TYR B 203 20.29 1.34 -24.59
CA TYR B 203 19.25 0.72 -23.79
C TYR B 203 19.62 0.65 -22.32
N PHE B 204 18.65 0.92 -21.46
CA PHE B 204 18.83 0.82 -20.01
C PHE B 204 17.53 0.33 -19.40
N ARG B 205 17.61 -0.74 -18.63
CA ARG B 205 16.43 -1.36 -18.02
C ARG B 205 16.40 -1.25 -16.51
N LEU B 206 15.19 -1.05 -16.00
CA LEU B 206 14.88 -1.07 -14.58
C LEU B 206 13.66 -1.95 -14.48
N THR B 207 13.71 -3.01 -13.69
CA THR B 207 12.55 -3.87 -13.62
C THR B 207 11.58 -3.41 -12.53
N LEU B 208 10.84 -2.33 -12.76
CA LEU B 208 9.88 -1.81 -11.75
C LEU B 208 8.51 -2.45 -11.86
N GLN B 209 7.92 -2.79 -10.71
CA GLN B 209 6.58 -3.37 -10.73
C GLN B 209 5.58 -2.25 -10.99
N ASP B 210 4.60 -2.50 -11.83
CA ASP B 210 3.62 -1.45 -12.07
C ASP B 210 2.86 -1.10 -10.77
N HIS B 211 2.38 0.14 -10.69
CA HIS B 211 1.60 0.65 -9.56
C HIS B 211 2.42 1.08 -8.34
N PHE B 212 3.72 0.86 -8.34
CA PHE B 212 4.49 1.28 -7.17
C PHE B 212 5.64 2.21 -7.53
N ARG B 213 6.07 2.97 -6.54
CA ARG B 213 7.19 3.87 -6.72
C ARG B 213 8.45 2.99 -6.73
N PRO B 214 9.57 3.44 -7.32
CA PRO B 214 10.77 2.59 -7.33
C PRO B 214 11.37 2.46 -5.91
N ASP B 215 11.95 1.31 -5.58
CA ASP B 215 12.60 1.15 -4.28
C ASP B 215 13.95 1.83 -4.30
N ASP B 216 14.47 2.17 -3.13
CA ASP B 216 15.75 2.87 -3.01
C ASP B 216 16.88 2.20 -3.81
N PRO B 217 17.04 0.87 -3.73
CA PRO B 217 18.16 0.33 -4.53
C PRO B 217 17.98 0.59 -6.05
N ASP B 218 16.74 0.64 -6.54
CA ASP B 218 16.50 0.92 -7.96
C ASP B 218 16.78 2.40 -8.24
N VAL B 219 16.50 3.26 -7.27
CA VAL B 219 16.83 4.67 -7.48
C VAL B 219 18.36 4.82 -7.61
N ASP B 220 19.11 4.12 -6.76
CA ASP B 220 20.58 4.18 -6.81
C ASP B 220 21.07 3.71 -8.19
N LYS B 221 20.54 2.60 -8.66
CA LYS B 221 20.92 2.06 -9.94
C LYS B 221 20.62 3.07 -11.06
N PHE B 222 19.51 3.82 -10.92
CA PHE B 222 19.17 4.83 -11.92
C PHE B 222 20.14 5.99 -11.81
N LEU B 223 20.41 6.46 -10.59
CA LEU B 223 21.36 7.57 -10.43
C LEU B 223 22.73 7.20 -10.96
N GLU B 224 23.13 5.94 -10.84
CA GLU B 224 24.43 5.56 -11.35
C GLU B 224 24.44 5.63 -12.88
N PHE B 225 23.38 5.14 -13.51
CA PHE B 225 23.25 5.22 -14.96
C PHE B 225 23.28 6.67 -15.41
N TYR B 226 22.47 7.48 -14.74
CA TYR B 226 22.35 8.89 -15.04
C TYR B 226 23.69 9.62 -14.97
N LYS B 227 24.44 9.44 -13.87
CA LYS B 227 25.73 10.10 -13.68
C LYS B 227 26.77 9.72 -14.72
N SER B 228 26.61 8.56 -15.33
CA SER B 228 27.57 8.06 -16.31
C SER B 228 27.29 8.46 -17.76
N LEU B 229 26.31 9.32 -18.00
CA LEU B 229 25.97 9.65 -19.38
C LEU B 229 26.71 10.85 -19.97
N PRO B 230 26.89 10.85 -21.31
CA PRO B 230 27.56 11.90 -22.07
C PRO B 230 26.58 13.05 -21.87
N LYS B 231 27.01 14.30 -21.99
CA LYS B 231 26.07 15.39 -21.73
C LYS B 231 25.10 15.70 -22.87
N ASP B 232 25.23 15.03 -24.01
CA ASP B 232 24.31 15.27 -25.13
C ASP B 232 23.28 14.14 -25.26
N ALA B 233 23.14 13.35 -24.19
CA ALA B 233 22.25 12.22 -24.19
C ALA B 233 20.79 12.59 -24.17
N TRP B 234 20.01 11.83 -24.93
CA TRP B 234 18.57 12.01 -24.95
C TRP B 234 17.97 10.81 -24.25
N LEU B 235 17.28 11.07 -23.15
CA LEU B 235 16.65 9.99 -22.39
C LEU B 235 15.17 9.90 -22.71
N HIS B 236 14.72 8.72 -23.11
CA HIS B 236 13.31 8.48 -23.39
C HIS B 236 12.78 7.50 -22.33
N TYR B 237 11.75 7.89 -21.59
CA TYR B 237 11.21 7.00 -20.56
C TYR B 237 9.93 6.34 -21.03
N HIS B 238 9.74 5.07 -20.71
CA HIS B 238 8.49 4.40 -21.05
C HIS B 238 8.20 3.22 -20.15
N CYS B 239 6.92 2.95 -19.93
CA CYS B 239 6.54 1.78 -19.20
C CYS B 239 5.52 1.11 -20.10
N TYR B 240 4.30 0.83 -19.64
CA TYR B 240 3.35 0.20 -20.54
C TYR B 240 2.41 1.25 -21.14
N ALA B 241 1.72 2.00 -20.27
CA ALA B 241 0.78 3.04 -20.73
C ALA B 241 1.43 4.41 -20.96
N GLY B 242 2.59 4.69 -20.38
CA GLY B 242 3.19 6.00 -20.61
C GLY B 242 2.84 6.98 -19.49
N MET B 243 2.14 6.48 -18.44
N MET B 243 2.16 6.41 -18.52
CA MET B 243 1.75 7.33 -17.30
CA MET B 243 1.79 7.14 -17.35
C MET B 243 2.54 6.97 -16.02
C MET B 243 2.47 6.47 -16.14
N GLY B 244 1.82 6.52 -14.99
CA GLY B 244 2.40 6.01 -13.75
C GLY B 244 3.92 6.00 -13.58
N ARG B 245 4.54 4.85 -13.86
CA ARG B 245 5.99 4.74 -13.71
C ARG B 245 6.72 5.82 -14.51
N THR B 246 6.24 6.03 -15.73
CA THR B 246 6.86 7.03 -16.59
C THR B 246 6.75 8.44 -16.01
N THR B 247 5.60 8.78 -15.44
CA THR B 247 5.45 10.12 -14.83
C THR B 247 6.41 10.28 -13.68
N ILE B 248 6.58 9.21 -12.89
CA ILE B 248 7.49 9.30 -11.79
C ILE B 248 8.88 9.67 -12.30
N PHE B 249 9.39 8.98 -13.30
CA PHE B 249 10.73 9.34 -13.77
C PHE B 249 10.77 10.66 -14.54
N MET B 250 9.67 11.05 -15.21
CA MET B 250 9.70 12.37 -15.86
C MET B 250 9.89 13.40 -14.76
N VAL B 251 9.21 13.22 -13.63
CA VAL B 251 9.37 14.17 -12.52
C VAL B 251 10.76 14.11 -11.91
N MET B 252 11.33 12.91 -11.75
CA MET B 252 12.67 12.78 -11.22
C MET B 252 13.65 13.49 -12.14
N HIS B 253 13.50 13.25 -13.44
CA HIS B 253 14.36 13.85 -14.46
C HIS B 253 14.35 15.38 -14.33
N ASP B 254 13.15 15.96 -14.22
CA ASP B 254 13.01 17.41 -14.08
C ASP B 254 13.75 17.87 -12.81
N ILE B 255 13.44 17.20 -11.70
CA ILE B 255 14.05 17.50 -10.43
C ILE B 255 15.55 17.52 -10.55
N LEU B 256 16.08 16.50 -11.21
CA LEU B 256 17.52 16.36 -11.40
C LEU B 256 18.11 17.55 -12.17
N LYS B 257 17.41 18.00 -13.19
CA LYS B 257 17.89 19.11 -14.02
C LYS B 257 17.56 20.50 -13.44
N ASN B 258 16.54 20.66 -12.59
CA ASN B 258 16.13 22.01 -12.18
C ASN B 258 15.72 22.19 -10.73
N ALA B 259 16.01 21.24 -9.86
CA ALA B 259 15.57 21.34 -8.47
C ALA B 259 16.01 22.62 -7.75
N LYS B 260 17.22 23.10 -8.01
CA LYS B 260 17.69 24.31 -7.32
C LYS B 260 17.03 25.56 -7.87
N ASP B 261 16.40 25.48 -9.04
CA ASP B 261 15.79 26.68 -9.63
C ASP B 261 14.27 26.67 -9.63
N VAL B 262 13.65 25.50 -9.73
CA VAL B 262 12.22 25.42 -9.76
C VAL B 262 11.69 24.75 -8.49
N SER B 263 10.58 25.23 -7.96
CA SER B 263 10.03 24.64 -6.74
C SER B 263 9.48 23.23 -7.01
N PHE B 264 9.21 22.49 -5.93
CA PHE B 264 8.67 21.15 -6.08
C PHE B 264 7.27 21.21 -6.70
N ASP B 265 6.42 22.05 -6.14
CA ASP B 265 5.07 22.19 -6.66
C ASP B 265 5.01 22.55 -8.15
N ASP B 266 5.91 23.43 -8.62
CA ASP B 266 5.91 23.80 -10.04
C ASP B 266 6.27 22.65 -10.92
N ILE B 267 7.29 21.88 -10.52
CA ILE B 267 7.67 20.75 -11.32
C ILE B 267 6.52 19.75 -11.42
N ILE B 268 5.80 19.54 -10.32
CA ILE B 268 4.69 18.60 -10.29
C ILE B 268 3.57 19.08 -11.21
N GLN B 269 3.31 20.37 -11.20
CA GLN B 269 2.24 20.91 -12.03
C GLN B 269 2.62 20.95 -13.52
N ARG B 270 3.82 21.43 -13.82
CA ARG B 270 4.24 21.54 -15.20
C ARG B 270 4.41 20.19 -15.86
N GLN B 271 4.70 19.13 -15.08
CA GLN B 271 4.83 17.79 -15.65
C GLN B 271 3.45 17.25 -15.99
N LYS B 272 2.43 17.71 -15.25
CA LYS B 272 1.07 17.32 -15.57
C LYS B 272 0.60 18.07 -16.86
N LEU B 273 0.96 19.34 -16.98
CA LEU B 273 0.56 20.16 -18.14
C LEU B 273 1.13 19.63 -19.47
N ILE B 274 2.27 18.93 -19.45
CA ILE B 274 2.83 18.39 -20.70
C ILE B 274 2.57 16.89 -20.79
N GLY B 275 2.21 16.27 -19.66
CA GLY B 275 1.93 14.85 -19.66
C GLY B 275 0.46 14.72 -19.33
N ILE B 276 0.10 13.84 -18.44
CA ILE B 276 -1.31 13.77 -18.12
C ILE B 276 -1.50 13.81 -16.60
N VAL B 277 -0.85 12.86 -15.96
CA VAL B 277 -0.95 12.65 -14.54
C VAL B 277 -0.30 13.71 -13.67
N ASP B 278 -1.06 14.10 -12.66
CA ASP B 278 -0.64 15.05 -11.64
C ASP B 278 -0.36 14.19 -10.40
N LEU B 279 0.90 14.00 -10.06
CA LEU B 279 1.27 13.13 -8.94
C LEU B 279 0.72 13.55 -7.57
N SER B 280 0.40 14.83 -7.40
CA SER B 280 -0.10 15.35 -6.14
C SER B 280 -1.59 15.07 -5.98
N GLU B 281 -2.18 14.46 -6.99
CA GLU B 281 -3.59 14.19 -6.94
C GLU B 281 -3.88 12.81 -6.40
N ILE B 282 -4.71 12.76 -5.36
CA ILE B 282 -5.15 11.52 -4.77
C ILE B 282 -6.65 11.48 -5.01
N PRO B 283 -7.08 10.85 -6.11
CA PRO B 283 -8.50 10.75 -6.51
C PRO B 283 -9.43 9.96 -5.60
N ASP B 284 -10.69 10.44 -5.52
CA ASP B 284 -11.73 9.82 -4.71
C ASP B 284 -11.94 8.37 -5.09
N LYS B 285 -11.73 8.03 -6.36
CA LYS B 285 -11.97 6.65 -6.78
C LYS B 285 -10.90 5.69 -6.28
N LYS B 286 -9.78 6.21 -5.76
CA LYS B 286 -8.74 5.33 -5.22
C LYS B 286 -9.00 5.06 -3.75
N LYS B 287 -9.08 3.78 -3.38
CA LYS B 287 -9.35 3.40 -2.01
C LYS B 287 -8.36 2.36 -1.51
N ASN B 288 -8.42 2.08 -0.22
CA ASN B 288 -7.55 1.12 0.45
C ASN B 288 -6.15 0.93 -0.21
N TYR B 289 -5.87 -0.24 -0.78
CA TYR B 289 -4.55 -0.48 -1.33
C TYR B 289 -4.12 0.53 -2.39
N GLY B 290 -4.99 0.76 -3.38
CA GLY B 290 -4.67 1.68 -4.44
C GLY B 290 -4.33 3.06 -3.96
N ARG B 291 -5.14 3.59 -3.06
CA ARG B 291 -4.92 4.94 -2.52
C ARG B 291 -3.52 5.05 -1.88
N LYS B 292 -3.16 4.05 -1.08
CA LYS B 292 -1.85 4.03 -0.44
C LYS B 292 -0.72 4.14 -1.47
N ALA B 293 -0.88 3.48 -2.60
CA ALA B 293 0.17 3.48 -3.61
C ALA B 293 0.33 4.88 -4.21
N TYR B 294 -0.77 5.54 -4.52
CA TYR B 294 -0.72 6.91 -5.01
C TYR B 294 0.01 7.81 -4.00
N ILE B 295 -0.35 7.69 -2.73
CA ILE B 295 0.26 8.48 -1.67
C ILE B 295 1.76 8.20 -1.57
N GLU B 296 2.12 6.92 -1.55
CA GLU B 296 3.50 6.50 -1.44
C GLU B 296 4.33 7.07 -2.60
N ARG B 297 3.81 7.05 -3.82
CA ARG B 297 4.59 7.60 -4.93
C ARG B 297 4.72 9.11 -4.83
N TYR B 298 3.68 9.80 -4.36
CA TYR B 298 3.77 11.24 -4.23
C TYR B 298 4.77 11.62 -3.15
N GLN B 299 4.81 10.86 -2.05
CA GLN B 299 5.77 11.17 -0.99
C GLN B 299 7.16 10.85 -1.48
N PHE B 300 7.29 9.80 -2.30
CA PHE B 300 8.61 9.49 -2.80
C PHE B 300 9.15 10.63 -3.65
N VAL B 301 8.40 11.16 -4.61
CA VAL B 301 9.03 12.24 -5.38
C VAL B 301 9.37 13.47 -4.51
N GLN B 302 8.65 13.69 -3.40
CA GLN B 302 9.00 14.78 -2.50
C GLN B 302 10.33 14.47 -1.81
N HIS B 303 10.53 13.22 -1.35
CA HIS B 303 11.80 12.90 -0.73
C HIS B 303 12.92 12.99 -1.78
N PHE B 304 12.63 12.56 -3.00
CA PHE B 304 13.67 12.62 -4.03
C PHE B 304 14.06 14.05 -4.26
N TYR B 305 13.07 14.93 -4.17
CA TYR B 305 13.32 16.33 -4.36
C TYR B 305 14.23 16.85 -3.27
N ASP B 306 13.97 16.49 -2.02
CA ASP B 306 14.79 16.96 -0.93
C ASP B 306 16.20 16.45 -1.12
N TYR B 307 16.31 15.19 -1.48
CA TYR B 307 17.62 14.63 -1.69
C TYR B 307 18.42 15.41 -2.76
N VAL B 308 17.83 15.64 -3.95
CA VAL B 308 18.61 16.34 -4.98
C VAL B 308 18.98 17.76 -4.54
N LYS B 309 18.05 18.40 -3.85
CA LYS B 309 18.24 19.74 -3.34
C LYS B 309 19.47 19.79 -2.42
N GLU B 310 19.52 18.86 -1.45
CA GLU B 310 20.61 18.80 -0.48
C GLU B 310 21.90 18.18 -1.02
N ASN B 311 21.82 17.47 -2.14
CA ASN B 311 23.02 16.84 -2.69
C ASN B 311 23.21 17.15 -4.17
N PRO B 312 23.29 18.43 -4.50
CA PRO B 312 23.46 18.74 -5.93
C PRO B 312 24.50 17.92 -6.66
N ASP B 313 25.51 17.45 -5.94
CA ASP B 313 26.61 16.67 -6.54
C ASP B 313 26.31 15.16 -6.55
N LEU B 314 25.16 14.76 -6.01
CA LEU B 314 24.75 13.36 -6.00
C LEU B 314 25.86 12.44 -5.53
N LYS B 315 26.61 12.87 -4.52
CA LYS B 315 27.73 12.07 -4.01
C LYS B 315 27.21 11.01 -3.05
N THR B 316 26.44 11.42 -2.05
CA THR B 316 25.88 10.44 -1.13
C THR B 316 24.77 9.72 -1.89
N PRO B 317 24.83 8.38 -1.92
CA PRO B 317 23.79 7.62 -2.63
C PRO B 317 22.40 7.93 -2.07
N TYR B 318 21.38 7.81 -2.91
CA TYR B 318 20.04 8.10 -2.45
C TYR B 318 19.67 7.26 -1.23
N SER B 319 19.88 5.95 -1.31
CA SER B 319 19.55 5.02 -0.23
C SER B 319 20.23 5.40 1.07
N VAL B 320 21.52 5.69 1.01
CA VAL B 320 22.28 6.09 2.19
C VAL B 320 21.66 7.35 2.79
N TRP B 321 21.34 8.31 1.94
CA TRP B 321 20.71 9.54 2.39
C TRP B 321 19.34 9.27 3.02
N ALA B 322 18.56 8.41 2.36
CA ALA B 322 17.20 8.10 2.81
C ALA B 322 17.21 7.41 4.17
N LYS B 323 18.17 6.51 4.37
CA LYS B 323 18.28 5.79 5.62
C LYS B 323 18.60 6.77 6.73
N LYS B 324 19.57 7.63 6.41
CA LYS B 324 20.04 8.69 7.29
C LYS B 324 18.87 9.57 7.72
N ASN B 325 17.98 9.91 6.79
CA ASN B 325 16.84 10.76 7.11
C ASN B 325 15.58 9.99 7.51
N LYS B 326 15.70 8.68 7.53
CA LYS B 326 14.59 7.83 7.93
C LYS B 326 13.37 7.89 7.00
N VAL B 327 13.61 8.05 5.71
CA VAL B 327 12.53 8.05 4.75
C VAL B 327 12.80 6.95 3.73
N ASN B 328 13.78 6.11 4.08
CA ASN B 328 14.22 5.00 3.25
C ASN B 328 13.12 3.96 2.99
N SER B 329 13.27 3.19 1.91
CA SER B 329 12.33 2.12 1.67
C SER B 329 12.90 0.88 2.40
N TRP B 330 12.05 -0.08 2.68
CA TRP B 330 12.46 -1.27 3.40
C TRP B 330 13.07 -2.31 2.52
N GLU B 331 14.13 -2.94 3.02
CA GLU B 331 14.77 -4.05 2.32
C GLU B 331 15.16 -5.11 3.35
N PRO B 332 15.19 -6.38 2.95
CA PRO B 332 15.56 -7.39 3.93
C PRO B 332 17.02 -7.30 4.34
N ASP B 333 17.29 -7.73 5.57
CA ASP B 333 18.64 -7.77 6.10
C ASP B 333 19.09 -9.24 6.11
N TYR B 334 20.07 -9.58 5.29
CA TYR B 334 20.51 -10.97 5.21
C TYR B 334 21.68 -11.28 6.13
N ASN B 335 22.10 -10.30 6.91
CA ASN B 335 23.25 -10.43 7.82
C ASN B 335 23.06 -11.49 8.87
N GLY B 336 24.17 -12.13 9.23
CA GLY B 336 24.14 -13.18 10.23
C GLY B 336 23.78 -12.61 11.59
N TYR B 337 23.11 -13.41 12.40
CA TYR B 337 22.66 -12.95 13.70
C TYR B 337 22.73 -14.04 14.79
N ILE B 338 22.89 -15.30 14.40
CA ILE B 338 22.95 -16.43 15.34
C ILE B 338 23.98 -17.51 14.92
N TRP B 339 24.66 -18.14 15.88
CA TRP B 339 25.56 -19.24 15.52
C TRP B 339 24.70 -20.50 15.41
N ARG B 340 24.56 -21.03 14.22
CA ARG B 340 23.75 -22.22 14.02
C ARG B 340 24.59 -23.47 14.12
N LEU B 341 24.04 -24.48 14.76
CA LEU B 341 24.72 -25.76 14.88
C LEU B 341 24.44 -26.51 13.61
N ASP B 342 25.45 -26.70 12.78
CA ASP B 342 25.22 -27.38 11.51
C ASP B 342 25.21 -28.87 11.70
N THR B 343 26.16 -29.38 12.45
CA THR B 343 26.24 -30.82 12.68
C THR B 343 27.07 -31.10 13.92
N LYS B 344 26.45 -31.82 14.86
CA LYS B 344 27.03 -32.16 16.14
C LYS B 344 28.15 -33.18 16.01
N ASP B 345 29.18 -32.99 16.83
CA ASP B 345 30.33 -33.89 16.80
C ASP B 345 29.94 -35.31 17.17
N ARG B 346 29.76 -36.15 16.16
CA ARG B 346 29.41 -37.55 16.36
C ARG B 346 30.38 -38.39 15.55
N ASN B 347 30.47 -39.68 15.84
CA ASN B 347 31.40 -40.54 15.10
C ASN B 347 30.66 -41.41 14.13
N GLN B 348 30.51 -40.92 12.91
CA GLN B 348 29.80 -41.64 11.86
C GLN B 348 29.97 -40.86 10.55
N LEU B 349 29.71 -41.49 9.41
CA LEU B 349 29.80 -40.77 8.16
C LEU B 349 28.84 -39.58 8.23
N PRO B 350 29.15 -38.49 7.52
CA PRO B 350 28.23 -37.35 7.60
C PRO B 350 26.99 -37.58 6.77
N ARG B 351 25.96 -36.75 6.99
CA ARG B 351 24.75 -36.87 6.24
C ARG B 351 25.03 -36.83 4.76
N ASN B 352 24.29 -37.65 4.02
CA ASN B 352 24.39 -37.76 2.58
C ASN B 352 25.77 -38.08 2.07
N PHE B 353 26.58 -38.80 2.85
CA PHE B 353 27.90 -39.18 2.35
C PHE B 353 27.73 -40.04 1.12
N ARG B 354 28.67 -39.99 0.21
CA ARG B 354 28.54 -40.79 -0.99
C ARG B 354 29.78 -40.73 -1.85
N THR B 355 29.98 -41.78 -2.62
CA THR B 355 31.10 -41.94 -3.52
C THR B 355 30.61 -42.44 -4.86
N MET B 356 31.41 -42.24 -5.90
CA MET B 356 31.02 -42.70 -7.22
C MET B 356 31.13 -44.22 -7.35
N ASN B 357 31.31 -44.90 -6.22
CA ASN B 357 31.40 -46.38 -6.20
C ASN B 357 30.27 -46.89 -5.35
N SER B 358 29.48 -45.96 -4.84
CA SER B 358 28.36 -46.27 -3.98
C SER B 358 27.20 -46.94 -4.69
N ALA B 359 26.25 -47.40 -3.87
CA ALA B 359 25.04 -48.08 -4.35
C ALA B 359 23.91 -47.10 -4.43
N PHE B 360 23.15 -47.19 -5.51
CA PHE B 360 22.02 -46.30 -5.71
C PHE B 360 21.04 -46.38 -4.54
N ARG B 361 20.30 -45.30 -4.37
CA ARG B 361 19.34 -45.19 -3.28
C ARG B 361 18.24 -46.23 -3.36
N THR B 362 17.56 -46.43 -2.23
CA THR B 362 16.45 -47.36 -2.16
C THR B 362 15.12 -46.59 -2.09
N ASP B 363 15.18 -45.40 -1.47
CA ASP B 363 14.00 -44.54 -1.29
C ASP B 363 13.83 -43.53 -2.42
N VAL B 364 14.11 -43.93 -3.65
CA VAL B 364 13.93 -43.04 -4.78
C VAL B 364 12.48 -42.49 -4.82
N ASN B 365 12.35 -41.19 -5.12
CA ASN B 365 11.06 -40.51 -5.22
C ASN B 365 11.01 -39.75 -6.55
N VAL B 366 10.14 -40.17 -7.46
CA VAL B 366 10.06 -39.53 -8.76
C VAL B 366 9.51 -38.10 -8.70
N LYS B 367 8.72 -37.78 -7.67
CA LYS B 367 8.19 -36.43 -7.55
C LYS B 367 9.33 -35.44 -7.33
N LYS B 368 10.51 -35.98 -7.03
CA LYS B 368 11.67 -35.15 -6.76
C LYS B 368 12.69 -35.14 -7.89
N THR B 369 12.32 -35.68 -9.05
CA THR B 369 13.25 -35.66 -10.17
C THR B 369 12.84 -34.63 -11.21
N GLY B 370 13.10 -34.91 -12.49
CA GLY B 370 12.73 -33.97 -13.52
C GLY B 370 13.19 -34.36 -14.91
N LYS B 371 13.06 -33.44 -15.86
CA LYS B 371 13.44 -33.69 -17.23
C LYS B 371 14.66 -34.61 -17.36
N GLY B 372 14.43 -35.78 -17.95
CA GLY B 372 15.48 -36.76 -18.17
C GLY B 372 15.84 -37.74 -17.06
N PHE B 373 14.96 -37.98 -16.09
CA PHE B 373 15.31 -38.87 -14.99
C PHE B 373 15.16 -40.37 -15.25
N THR B 374 16.19 -40.98 -15.81
CA THR B 374 16.18 -42.42 -16.05
C THR B 374 16.42 -43.12 -14.71
N PRO B 375 15.61 -44.14 -14.37
CA PRO B 375 15.91 -44.77 -13.07
C PRO B 375 17.07 -45.78 -13.23
N THR B 376 17.59 -45.86 -14.45
CA THR B 376 18.69 -46.77 -14.77
C THR B 376 19.70 -46.10 -15.72
N PRO B 377 20.47 -45.14 -15.21
CA PRO B 377 21.46 -44.42 -16.01
C PRO B 377 22.76 -45.21 -16.15
N THR B 378 23.52 -44.93 -17.21
CA THR B 378 24.80 -45.59 -17.45
C THR B 378 25.68 -45.56 -16.20
N ARG B 379 26.86 -46.16 -16.29
CA ARG B 379 27.81 -46.15 -15.18
C ARG B 379 29.17 -45.68 -15.69
N LYS B 380 29.23 -45.54 -17.01
CA LYS B 380 30.40 -45.09 -17.79
C LYS B 380 31.21 -44.00 -17.10
N GLY B 381 32.52 -44.21 -17.04
CA GLY B 381 33.45 -43.26 -16.43
C GLY B 381 33.30 -43.00 -14.94
N LEU B 382 32.53 -43.80 -14.24
CA LEU B 382 32.30 -43.58 -12.82
C LEU B 382 33.41 -44.10 -11.91
N ASP B 383 33.79 -45.37 -12.06
CA ASP B 383 34.84 -45.98 -11.22
C ASP B 383 36.18 -45.22 -11.27
N THR B 384 36.30 -44.24 -12.15
CA THR B 384 37.53 -43.48 -12.29
C THR B 384 37.29 -41.96 -12.18
N LEU B 385 36.12 -41.58 -11.71
CA LEU B 385 35.80 -40.16 -11.54
C LEU B 385 36.50 -39.65 -10.30
N TYR B 386 36.57 -40.50 -9.28
CA TYR B 386 37.23 -40.13 -8.04
C TYR B 386 36.57 -38.89 -7.51
N MET B 387 35.35 -39.07 -7.00
CA MET B 387 34.57 -37.96 -6.47
C MET B 387 33.59 -38.43 -5.42
N SER B 388 33.37 -37.60 -4.42
CA SER B 388 32.43 -37.92 -3.37
C SER B 388 31.75 -36.62 -2.94
N GLY B 389 30.78 -36.72 -2.03
CA GLY B 389 30.07 -35.53 -1.59
C GLY B 389 29.38 -35.80 -0.27
N SER B 390 28.87 -34.76 0.37
CA SER B 390 28.22 -34.93 1.65
C SER B 390 27.87 -33.57 2.25
N ALA B 391 27.11 -33.62 3.33
CA ALA B 391 26.75 -32.43 4.07
C ALA B 391 27.98 -32.00 4.85
N GLU B 392 27.88 -30.88 5.56
CA GLU B 392 28.97 -30.40 6.39
C GLU B 392 29.37 -31.54 7.32
N PHE B 393 30.51 -31.40 7.99
CA PHE B 393 30.98 -32.44 8.87
C PHE B 393 31.67 -31.86 10.06
N SER B 394 31.55 -32.54 11.19
CA SER B 394 32.21 -32.13 12.42
C SER B 394 33.49 -32.97 12.53
N ASN B 395 34.24 -32.80 13.62
CA ASN B 395 35.47 -33.57 13.83
C ASN B 395 35.25 -35.07 13.68
N GLY B 396 34.30 -35.60 14.46
CA GLY B 396 34.02 -37.01 14.41
C GLY B 396 33.60 -37.54 13.05
N GLU B 397 32.84 -36.78 12.29
CA GLU B 397 32.40 -37.25 10.98
C GLU B 397 33.55 -37.22 9.96
N LEU B 398 34.49 -36.30 10.14
CA LEU B 398 35.62 -36.27 9.22
C LEU B 398 36.44 -37.53 9.45
N GLN B 399 36.69 -37.87 10.71
CA GLN B 399 37.45 -39.07 11.08
C GLN B 399 36.88 -40.30 10.40
N ALA B 400 35.58 -40.51 10.57
CA ALA B 400 34.95 -41.66 9.97
C ALA B 400 35.01 -41.65 8.45
N MET B 401 35.31 -40.47 7.89
CA MET B 401 35.38 -40.28 6.45
C MET B 401 36.74 -40.64 5.86
N LEU B 402 37.81 -40.36 6.62
CA LEU B 402 39.18 -40.61 6.17
C LEU B 402 39.38 -42.04 5.67
N PRO B 403 39.15 -43.04 6.53
CA PRO B 403 39.33 -44.45 6.11
C PRO B 403 38.60 -44.81 4.82
N VAL B 404 37.35 -44.39 4.69
CA VAL B 404 36.59 -44.71 3.50
C VAL B 404 37.20 -44.10 2.25
N LEU B 405 37.67 -42.86 2.37
CA LEU B 405 38.25 -42.16 1.23
C LEU B 405 39.64 -42.67 0.89
N LYS B 406 40.52 -42.68 1.88
CA LYS B 406 41.91 -43.13 1.70
C LYS B 406 41.98 -44.56 1.14
N GLN B 407 40.87 -45.29 1.20
CA GLN B 407 40.84 -46.64 0.67
C GLN B 407 40.47 -46.64 -0.81
N GLN B 408 39.55 -45.77 -1.22
CA GLN B 408 39.12 -45.74 -2.62
C GLN B 408 39.93 -44.78 -3.47
N ALA B 409 40.65 -43.88 -2.82
CA ALA B 409 41.44 -42.85 -3.50
C ALA B 409 42.77 -43.35 -4.07
N LYS B 410 42.97 -43.12 -5.36
CA LYS B 410 44.21 -43.48 -6.03
C LYS B 410 45.03 -42.21 -6.30
N GLY B 411 44.98 -41.28 -5.35
CA GLY B 411 45.68 -40.00 -5.48
C GLY B 411 45.33 -39.07 -4.33
N PRO B 412 45.85 -37.83 -4.33
CA PRO B 412 45.58 -36.87 -3.26
C PRO B 412 44.12 -36.42 -3.13
N ILE B 413 43.61 -36.46 -1.90
CA ILE B 413 42.22 -36.10 -1.58
C ILE B 413 42.03 -34.62 -1.27
N TYR B 414 41.07 -34.01 -1.96
CA TYR B 414 40.77 -32.58 -1.76
C TYR B 414 39.36 -32.39 -1.25
N ILE B 415 39.22 -31.63 -0.18
CA ILE B 415 37.90 -31.30 0.31
C ILE B 415 37.52 -29.95 -0.27
N MET B 416 36.50 -29.95 -1.12
CA MET B 416 36.03 -28.74 -1.76
C MET B 416 34.85 -28.16 -0.98
N ASP B 417 35.14 -27.19 -0.12
CA ASP B 417 34.12 -26.50 0.67
C ASP B 417 33.43 -25.45 -0.21
N LEU B 418 32.18 -25.69 -0.57
CA LEU B 418 31.41 -24.78 -1.44
C LEU B 418 30.59 -23.74 -0.66
N ARG B 419 30.91 -23.47 0.60
CA ARG B 419 30.06 -22.53 1.35
C ARG B 419 30.52 -21.07 1.40
N GLN B 420 29.64 -20.20 0.93
CA GLN B 420 29.87 -18.77 0.99
C GLN B 420 29.66 -18.29 2.43
N GLU B 421 28.74 -18.93 3.14
CA GLU B 421 28.45 -18.48 4.51
C GLU B 421 29.61 -18.70 5.44
N THR B 422 29.78 -17.82 6.42
CA THR B 422 30.84 -18.03 7.39
C THR B 422 30.59 -19.24 8.27
N HIS B 423 31.49 -20.21 8.29
CA HIS B 423 31.33 -21.34 9.17
C HIS B 423 32.64 -21.74 9.77
N GLY B 424 32.60 -22.69 10.68
CA GLY B 424 33.80 -23.15 11.36
C GLY B 424 33.48 -24.32 12.25
N VAL B 425 34.35 -24.55 13.22
CA VAL B 425 34.18 -25.66 14.16
C VAL B 425 34.35 -25.18 15.60
N PHE B 426 33.30 -25.36 16.40
CA PHE B 426 33.30 -24.99 17.82
C PHE B 426 33.31 -26.28 18.64
N ASN B 427 34.26 -26.40 19.55
CA ASN B 427 34.37 -27.60 20.39
C ASN B 427 34.13 -28.88 19.61
N GLY B 428 34.57 -28.96 18.35
CA GLY B 428 34.38 -30.18 17.59
C GLY B 428 33.14 -30.25 16.71
N ASN B 429 32.20 -29.33 16.96
CA ASN B 429 30.95 -29.23 16.21
C ASN B 429 31.03 -28.22 15.07
N ALA B 430 30.37 -28.55 13.97
CA ALA B 430 30.34 -27.66 12.80
C ALA B 430 29.26 -26.59 13.01
N VAL B 431 29.67 -25.32 13.04
CA VAL B 431 28.75 -24.22 13.20
C VAL B 431 28.87 -23.24 12.03
N SER B 432 27.89 -22.33 11.91
CA SER B 432 27.89 -21.29 10.89
C SER B 432 27.21 -20.03 11.43
N TRP B 433 27.53 -18.88 10.84
CA TRP B 433 26.90 -17.63 11.25
C TRP B 433 25.72 -17.46 10.32
N TYR B 434 24.54 -17.85 10.79
CA TYR B 434 23.33 -17.84 10.00
C TYR B 434 22.59 -16.52 9.96
N GLY B 435 22.27 -16.08 8.74
CA GLY B 435 21.51 -14.87 8.51
C GLY B 435 20.29 -15.34 7.74
N LEU B 436 19.29 -14.47 7.56
CA LEU B 436 18.08 -14.84 6.83
C LEU B 436 18.42 -15.59 5.52
N ARG B 437 17.79 -16.73 5.30
CA ARG B 437 18.04 -17.53 4.09
C ARG B 437 19.49 -18.02 4.01
N ASP B 438 20.21 -17.95 5.11
CA ASP B 438 21.62 -18.35 5.13
C ASP B 438 22.45 -17.55 4.11
N TRP B 439 22.08 -16.27 3.95
CA TRP B 439 22.77 -15.35 3.03
C TRP B 439 23.63 -14.33 3.79
N GLY B 440 24.29 -14.79 4.85
CA GLY B 440 25.13 -13.92 5.68
C GLY B 440 26.26 -13.18 4.97
N ASN B 441 26.85 -13.79 3.94
CA ASN B 441 27.95 -13.15 3.22
C ASN B 441 27.57 -12.80 1.79
N LEU B 442 26.28 -12.65 1.54
CA LEU B 442 25.82 -12.29 0.21
C LEU B 442 26.51 -11.00 -0.29
N GLY B 443 26.94 -11.01 -1.55
CA GLY B 443 27.59 -9.82 -2.10
C GLY B 443 29.04 -9.64 -1.69
N LYS B 444 29.62 -10.55 -0.91
CA LYS B 444 31.03 -10.43 -0.53
C LYS B 444 31.92 -11.22 -1.49
N ASN B 445 33.18 -10.84 -1.64
CA ASN B 445 34.07 -11.64 -2.51
C ASN B 445 34.74 -12.71 -1.67
N LYS B 446 35.52 -13.57 -2.31
CA LYS B 446 36.19 -14.63 -1.58
C LYS B 446 37.01 -14.05 -0.42
N ALA B 447 37.85 -13.06 -0.72
CA ALA B 447 38.68 -12.44 0.30
C ALA B 447 37.86 -11.89 1.47
N GLU B 448 36.78 -11.16 1.20
CA GLU B 448 35.97 -10.61 2.28
C GLU B 448 35.35 -11.73 3.11
N VAL B 449 34.96 -12.82 2.45
CA VAL B 449 34.35 -13.94 3.14
C VAL B 449 35.32 -14.54 4.11
N LEU B 450 36.55 -14.80 3.65
CA LEU B 450 37.55 -15.37 4.54
C LEU B 450 37.91 -14.41 5.67
N LYS B 451 37.96 -13.11 5.38
CA LYS B 451 38.28 -12.15 6.43
C LYS B 451 37.17 -12.14 7.48
N ASP B 452 35.91 -12.20 7.03
CA ASP B 452 34.79 -12.23 7.97
C ASP B 452 34.83 -13.51 8.80
N GLU B 453 35.05 -14.62 8.13
CA GLU B 453 35.10 -15.91 8.79
C GLU B 453 36.18 -15.90 9.90
N ASN B 454 37.39 -15.45 9.58
CA ASN B 454 38.45 -15.44 10.60
C ASN B 454 38.11 -14.53 11.76
N SER B 455 37.54 -13.38 11.44
CA SER B 455 37.19 -12.41 12.46
C SER B 455 36.16 -12.98 13.43
N ARG B 456 35.03 -13.43 12.90
CA ARG B 456 33.96 -13.94 13.76
C ARG B 456 34.36 -15.20 14.53
N LEU B 457 34.93 -16.18 13.84
CA LEU B 457 35.34 -17.40 14.53
C LEU B 457 36.29 -17.07 15.69
N ASN B 458 37.30 -16.25 15.42
CA ASN B 458 38.24 -15.93 16.47
C ASN B 458 37.62 -15.12 17.56
N ALA B 459 36.74 -14.21 17.20
CA ALA B 459 36.10 -13.37 18.20
C ALA B 459 35.30 -14.18 19.21
N ALA B 460 34.82 -15.36 18.80
CA ALA B 460 34.00 -16.24 19.64
C ALA B 460 34.80 -17.16 20.54
N ARG B 461 36.11 -17.26 20.34
CA ARG B 461 36.91 -18.15 21.18
C ARG B 461 36.87 -17.72 22.64
N GLY B 462 36.71 -18.67 23.55
CA GLY B 462 36.68 -18.34 24.96
C GLY B 462 35.35 -17.84 25.49
N LYS B 463 34.65 -17.02 24.70
CA LYS B 463 33.37 -16.49 25.14
C LYS B 463 32.30 -17.58 25.29
N SER B 464 31.18 -17.17 25.86
CA SER B 464 30.04 -18.05 26.10
C SER B 464 28.83 -17.49 25.33
N LEU B 465 28.22 -18.31 24.47
CA LEU B 465 27.08 -17.83 23.68
C LEU B 465 26.21 -18.94 23.07
N ILE B 466 25.13 -18.52 22.41
CA ILE B 466 24.18 -19.46 21.84
C ILE B 466 24.66 -20.10 20.54
N VAL B 467 24.53 -21.41 20.49
CA VAL B 467 24.86 -22.21 19.33
C VAL B 467 23.69 -23.11 19.20
N ALA B 468 22.73 -22.74 18.38
CA ALA B 468 21.55 -23.54 18.35
C ALA B 468 21.29 -24.22 17.05
N GLU B 469 20.49 -25.26 17.16
CA GLU B 469 19.99 -26.00 16.02
C GLU B 469 18.69 -25.26 15.64
N LEU B 470 18.31 -25.28 14.37
CA LEU B 470 17.11 -24.57 13.98
C LEU B 470 15.97 -25.51 13.58
N ASP B 471 14.75 -25.02 13.73
CA ASP B 471 13.59 -25.79 13.35
C ASP B 471 13.19 -25.49 11.90
N LYS B 472 12.05 -26.04 11.49
CA LYS B 472 11.54 -25.85 10.14
C LYS B 472 11.31 -24.36 9.83
N ASP B 473 11.13 -23.55 10.86
CA ASP B 473 10.90 -22.12 10.69
C ASP B 473 12.17 -21.30 10.93
N LYS B 474 13.29 -21.99 11.04
CA LYS B 474 14.57 -21.35 11.28
C LYS B 474 14.62 -20.64 12.63
N MET B 475 13.86 -21.14 13.59
CA MET B 475 13.96 -20.53 14.91
C MET B 475 14.79 -21.46 15.78
N PRO B 476 15.51 -20.91 16.75
CA PRO B 476 16.33 -21.77 17.61
C PRO B 476 15.57 -22.71 18.52
N ILE B 477 15.94 -24.00 18.50
CA ILE B 477 15.31 -25.00 19.35
C ILE B 477 15.99 -25.05 20.73
N ASP B 478 15.25 -24.69 21.77
CA ASP B 478 15.76 -24.72 23.15
C ASP B 478 17.11 -24.02 23.31
N PRO B 479 17.24 -22.80 22.76
CA PRO B 479 18.51 -22.07 22.87
C PRO B 479 19.05 -21.93 24.29
N LYS B 480 20.30 -22.37 24.48
CA LYS B 480 21.03 -22.32 25.75
C LYS B 480 22.49 -22.00 25.47
N PRO B 481 23.05 -20.97 26.13
CA PRO B 481 24.44 -20.52 25.97
C PRO B 481 25.46 -21.60 26.26
N VAL B 482 26.57 -21.58 25.54
CA VAL B 482 27.64 -22.54 25.77
C VAL B 482 29.03 -21.88 25.71
N LYS B 483 29.96 -22.48 26.43
CA LYS B 483 31.33 -22.00 26.48
C LYS B 483 32.09 -22.55 25.29
N ILE B 484 32.72 -21.65 24.54
CA ILE B 484 33.48 -22.10 23.40
C ILE B 484 34.93 -22.21 23.78
N GLU B 485 35.37 -23.44 24.05
CA GLU B 485 36.75 -23.70 24.45
C GLU B 485 37.66 -23.67 23.24
N SER B 486 37.43 -24.59 22.32
CA SER B 486 38.23 -24.67 21.11
C SER B 486 37.48 -24.11 19.88
N VAL B 487 38.25 -23.48 19.00
CA VAL B 487 37.75 -22.88 17.78
C VAL B 487 38.75 -23.01 16.63
N MET B 488 38.28 -23.53 15.50
CA MET B 488 39.14 -23.64 14.33
C MET B 488 38.30 -23.58 13.06
N THR B 489 38.94 -23.21 11.95
CA THR B 489 38.30 -23.13 10.63
C THR B 489 38.17 -24.53 10.06
N GLU B 490 37.35 -24.71 9.04
CA GLU B 490 37.28 -26.03 8.47
C GLU B 490 38.65 -26.37 7.83
N GLN B 491 39.35 -25.35 7.34
CA GLN B 491 40.64 -25.57 6.73
C GLN B 491 41.62 -26.13 7.76
N GLN B 492 41.72 -25.49 8.93
CA GLN B 492 42.62 -26.00 9.95
C GLN B 492 42.27 -27.45 10.34
N LEU B 493 40.97 -27.77 10.34
CA LEU B 493 40.54 -29.13 10.70
C LEU B 493 40.94 -30.10 9.61
N VAL B 494 40.72 -29.71 8.37
CA VAL B 494 41.08 -30.59 7.28
C VAL B 494 42.59 -30.78 7.16
N GLU B 495 43.34 -29.67 7.12
CA GLU B 495 44.79 -29.77 6.96
C GLU B 495 45.45 -30.49 8.12
N LYS B 496 44.91 -30.27 9.32
CA LYS B 496 45.42 -30.97 10.49
C LYS B 496 45.29 -32.49 10.30
N ASN B 497 44.30 -32.93 9.52
CA ASN B 497 44.12 -34.37 9.31
C ASN B 497 44.76 -34.90 8.02
N GLY B 498 45.69 -34.14 7.45
CA GLY B 498 46.37 -34.61 6.26
C GLY B 498 45.67 -34.59 4.91
N LEU B 499 44.61 -33.79 4.78
CA LEU B 499 43.91 -33.69 3.50
C LEU B 499 44.09 -32.30 2.97
N HIS B 500 43.85 -32.10 1.68
CA HIS B 500 43.97 -30.77 1.09
C HIS B 500 42.62 -30.04 1.09
N TYR B 501 42.66 -28.72 1.19
CA TYR B 501 41.43 -27.95 1.26
C TYR B 501 41.39 -26.84 0.25
N TYR B 502 40.24 -26.70 -0.40
CA TYR B 502 40.01 -25.63 -1.35
C TYR B 502 38.63 -25.03 -1.10
N ARG B 503 38.49 -23.72 -1.29
CA ARG B 503 37.25 -23.06 -1.00
C ARG B 503 36.67 -22.22 -2.11
N ILE B 504 35.40 -22.44 -2.39
CA ILE B 504 34.65 -21.65 -3.32
C ILE B 504 33.45 -21.12 -2.54
N ALA B 505 33.31 -19.80 -2.51
CA ALA B 505 32.25 -19.18 -1.76
C ALA B 505 30.95 -19.14 -2.54
N ALA B 506 30.28 -20.27 -2.69
CA ALA B 506 29.02 -20.26 -3.43
C ALA B 506 27.85 -19.89 -2.50
N THR B 507 26.93 -19.07 -2.99
CA THR B 507 25.78 -18.64 -2.21
C THR B 507 24.79 -19.78 -2.04
N ASP B 508 24.24 -19.93 -0.84
CA ASP B 508 23.27 -20.99 -0.58
C ASP B 508 21.99 -20.80 -1.41
N HIS B 509 21.37 -21.93 -1.80
CA HIS B 509 20.07 -21.98 -2.53
C HIS B 509 20.09 -21.57 -4.00
N ILE B 510 21.19 -21.09 -4.55
CA ILE B 510 21.11 -20.68 -5.97
C ILE B 510 22.17 -21.35 -6.85
N TRP B 511 21.99 -21.18 -8.15
CA TRP B 511 22.91 -21.70 -9.15
C TRP B 511 24.27 -21.03 -8.93
N PRO B 512 25.35 -21.82 -8.92
CA PRO B 512 26.64 -21.16 -8.72
C PRO B 512 26.93 -20.09 -9.77
N SER B 513 27.48 -18.96 -9.30
CA SER B 513 27.81 -17.84 -10.18
C SER B 513 28.85 -18.23 -11.23
N ALA B 514 28.83 -17.50 -12.34
CA ALA B 514 29.75 -17.74 -13.45
C ALA B 514 31.19 -17.74 -12.93
N ALA B 515 31.52 -16.76 -12.09
CA ALA B 515 32.83 -16.63 -11.49
C ALA B 515 33.13 -17.83 -10.60
N ASN B 516 32.10 -18.33 -9.89
CA ASN B 516 32.40 -19.48 -9.03
C ASN B 516 32.58 -20.74 -9.86
N ILE B 517 31.86 -20.86 -10.97
CA ILE B 517 32.01 -22.02 -11.82
C ILE B 517 33.41 -21.98 -12.46
N ASP B 518 33.82 -20.81 -12.94
CA ASP B 518 35.14 -20.66 -13.54
C ASP B 518 36.26 -20.85 -12.51
N GLU B 519 36.05 -20.41 -11.27
CA GLU B 519 37.08 -20.64 -10.30
C GLU B 519 37.28 -22.16 -10.15
N PHE B 520 36.19 -22.92 -10.29
CA PHE B 520 36.28 -24.37 -10.18
C PHE B 520 37.03 -24.98 -11.38
N ILE B 521 36.63 -24.64 -12.61
CA ILE B 521 37.30 -25.15 -13.81
C ILE B 521 38.83 -24.93 -13.71
N ASN B 522 39.23 -23.70 -13.40
CA ASN B 522 40.64 -23.35 -13.26
C ASN B 522 41.34 -24.23 -12.25
N PHE B 523 40.69 -24.51 -11.12
CA PHE B 523 41.27 -25.39 -10.11
C PHE B 523 41.51 -26.80 -10.70
N THR B 524 40.56 -27.32 -11.48
CA THR B 524 40.74 -28.66 -12.05
C THR B 524 41.83 -28.67 -13.12
N ARG B 525 42.15 -27.54 -13.72
CA ARG B 525 43.20 -27.61 -14.71
C ARG B 525 44.58 -27.64 -14.05
N THR B 526 44.66 -27.24 -12.79
CA THR B 526 45.97 -27.24 -12.13
C THR B 526 46.12 -28.34 -11.08
N MET B 527 45.12 -29.20 -10.92
CA MET B 527 45.21 -30.27 -9.92
C MET B 527 45.83 -31.54 -10.51
N PRO B 528 46.37 -32.43 -9.66
CA PRO B 528 46.97 -33.68 -10.14
C PRO B 528 45.93 -34.58 -10.82
N ALA B 529 46.32 -35.19 -11.95
CA ALA B 529 45.42 -36.03 -12.76
C ALA B 529 44.79 -37.23 -12.03
N ASN B 530 45.21 -37.49 -10.80
CA ASN B 530 44.68 -38.60 -10.02
C ASN B 530 43.91 -38.12 -8.79
N ALA B 531 43.77 -36.81 -8.68
CA ALA B 531 43.10 -36.16 -7.54
C ALA B 531 41.69 -36.68 -7.26
N TRP B 532 41.36 -36.74 -5.99
CA TRP B 532 40.03 -37.14 -5.56
C TRP B 532 39.37 -35.92 -4.94
N LEU B 533 38.21 -35.54 -5.45
CA LEU B 533 37.51 -34.36 -4.97
C LEU B 533 36.30 -34.69 -4.11
N HIS B 534 36.26 -34.20 -2.89
CA HIS B 534 35.09 -34.41 -2.01
C HIS B 534 34.37 -33.06 -1.81
N PHE B 535 33.25 -32.87 -2.49
CA PHE B 535 32.46 -31.63 -2.37
C PHE B 535 31.53 -31.67 -1.17
N HIS B 536 31.25 -30.50 -0.64
CA HIS B 536 30.34 -30.41 0.45
C HIS B 536 29.87 -28.99 0.63
N CYS B 537 28.66 -28.86 1.14
CA CYS B 537 28.09 -27.57 1.48
C CYS B 537 27.54 -27.70 2.87
N GLN B 538 26.35 -27.22 3.15
CA GLN B 538 25.91 -27.42 4.50
C GLN B 538 24.98 -28.64 4.60
N ALA B 539 24.18 -28.91 3.57
CA ALA B 539 23.26 -30.04 3.62
C ALA B 539 23.74 -31.19 2.74
N GLY B 540 24.56 -30.85 1.74
CA GLY B 540 25.10 -31.86 0.85
C GLY B 540 24.21 -32.12 -0.34
N ALA B 541 23.20 -31.27 -0.50
CA ALA B 541 22.24 -31.40 -1.58
C ALA B 541 22.40 -30.36 -2.70
N GLY B 542 21.94 -29.14 -2.48
CA GLY B 542 22.00 -28.10 -3.52
C GLY B 542 23.31 -27.83 -4.26
N ARG B 543 24.21 -27.09 -3.62
CA ARG B 543 25.50 -26.75 -4.20
C ARG B 543 26.35 -27.99 -4.48
N THR B 544 26.36 -28.91 -3.54
CA THR B 544 27.14 -30.13 -3.69
C THR B 544 26.75 -30.91 -4.94
N THR B 545 25.46 -31.14 -5.12
CA THR B 545 25.12 -31.94 -6.30
C THR B 545 25.36 -31.16 -7.59
N ALA B 546 25.11 -29.85 -7.60
CA ALA B 546 25.33 -29.09 -8.83
C ALA B 546 26.79 -29.13 -9.29
N TYR B 547 27.72 -29.06 -8.34
CA TYR B 547 29.14 -29.10 -8.69
C TYR B 547 29.56 -30.54 -9.06
N MET B 548 29.06 -31.54 -8.33
CA MET B 548 29.41 -32.90 -8.67
C MET B 548 28.90 -33.19 -10.08
N ALA B 549 27.65 -32.80 -10.34
CA ALA B 549 27.11 -33.02 -11.68
C ALA B 549 27.93 -32.27 -12.73
N MET B 550 28.43 -31.08 -12.42
CA MET B 550 29.21 -30.35 -13.42
C MET B 550 30.55 -31.03 -13.66
N TYR B 551 31.13 -31.59 -12.62
CA TYR B 551 32.42 -32.26 -12.76
C TYR B 551 32.24 -33.57 -13.54
N ASP B 552 31.18 -34.29 -13.22
CA ASP B 552 30.88 -35.54 -13.91
C ASP B 552 30.82 -35.29 -15.42
N MET B 553 30.18 -34.20 -15.81
CA MET B 553 30.03 -33.86 -17.23
C MET B 553 31.34 -33.46 -17.87
N MET B 554 32.21 -32.81 -17.11
CA MET B 554 33.48 -32.37 -17.67
C MET B 554 34.37 -33.55 -18.03
N LYS B 555 34.38 -34.58 -17.20
CA LYS B 555 35.20 -35.75 -17.41
C LYS B 555 34.57 -36.72 -18.42
N ASN B 556 33.25 -36.73 -18.48
CA ASN B 556 32.54 -37.65 -19.37
C ASN B 556 31.63 -36.94 -20.34
N PRO B 557 32.19 -36.21 -21.30
CA PRO B 557 31.31 -35.53 -22.24
C PRO B 557 30.41 -36.50 -23.03
N ASP B 558 30.63 -37.80 -22.82
CA ASP B 558 29.93 -38.88 -23.53
C ASP B 558 28.55 -39.15 -23.03
N VAL B 559 28.37 -39.15 -21.72
CA VAL B 559 27.08 -39.42 -21.16
C VAL B 559 26.17 -38.19 -21.20
N SER B 560 24.88 -38.41 -21.44
CA SER B 560 23.92 -37.31 -21.55
C SER B 560 23.55 -36.72 -20.20
N LEU B 561 23.00 -35.52 -20.27
CA LEU B 561 22.57 -34.80 -19.08
C LEU B 561 21.70 -35.67 -18.20
N GLY B 562 20.68 -36.28 -18.79
CA GLY B 562 19.77 -37.11 -18.01
C GLY B 562 20.44 -38.21 -17.21
N ASP B 563 21.46 -38.82 -17.81
CA ASP B 563 22.18 -39.92 -17.17
C ASP B 563 22.91 -39.36 -15.95
N ILE B 564 23.73 -38.35 -16.24
CA ILE B 564 24.52 -37.65 -15.25
C ILE B 564 23.63 -37.15 -14.11
N LEU B 565 22.56 -36.45 -14.45
CA LEU B 565 21.69 -35.96 -13.40
C LEU B 565 21.03 -37.07 -12.60
N SER B 566 20.56 -38.12 -13.27
CA SER B 566 19.90 -39.22 -12.54
C SER B 566 20.91 -40.00 -11.69
N ARG B 567 22.03 -40.29 -12.34
CA ARG B 567 23.14 -40.96 -11.71
C ARG B 567 23.47 -40.26 -10.40
N GLN B 568 23.71 -38.95 -10.50
CA GLN B 568 24.04 -38.12 -9.33
C GLN B 568 22.91 -38.08 -8.32
N TYR B 569 21.67 -38.21 -8.76
CA TYR B 569 20.56 -38.24 -7.80
C TYR B 569 20.50 -39.61 -7.13
N LEU B 570 20.65 -40.66 -7.93
CA LEU B 570 20.59 -42.01 -7.38
C LEU B 570 21.69 -42.22 -6.35
N LEU B 571 22.88 -41.66 -6.63
CA LEU B 571 24.00 -41.82 -5.72
C LEU B 571 23.81 -41.16 -4.37
N GLY B 572 22.76 -40.35 -4.21
CA GLY B 572 22.55 -39.73 -2.92
C GLY B 572 22.36 -38.21 -2.93
N GLY B 573 22.52 -37.61 -4.11
CA GLY B 573 22.31 -36.18 -4.21
C GLY B 573 20.84 -35.86 -4.47
N ASN B 574 20.55 -34.69 -5.02
CA ASN B 574 19.18 -34.35 -5.33
C ASN B 574 19.10 -34.26 -6.84
N TYR B 575 17.95 -33.97 -7.40
CA TYR B 575 17.93 -33.86 -8.85
C TYR B 575 18.17 -32.40 -9.17
N VAL B 576 19.24 -32.12 -9.91
CA VAL B 576 19.60 -30.75 -10.20
C VAL B 576 18.56 -29.99 -11.01
N ALA B 577 17.81 -30.67 -11.89
CA ALA B 577 16.81 -30.00 -12.71
C ALA B 577 15.42 -30.06 -12.09
N TYR B 578 15.36 -30.31 -10.78
CA TYR B 578 14.09 -30.36 -10.08
C TYR B 578 13.40 -29.00 -10.12
N GLU B 579 12.07 -29.00 -10.23
CA GLU B 579 11.31 -27.75 -10.22
C GLU B 579 10.07 -27.95 -9.35
N ILE B 580 9.54 -26.88 -8.79
CA ILE B 580 8.35 -27.02 -7.97
C ILE B 580 7.12 -27.02 -8.86
N ALA B 581 6.27 -28.02 -8.68
CA ALA B 581 5.03 -28.21 -9.45
C ALA B 581 4.00 -27.10 -9.23
N LYS B 582 3.32 -27.14 -8.07
CA LYS B 582 2.32 -26.12 -7.73
C LYS B 582 2.87 -25.22 -6.63
N PRO B 583 3.76 -24.27 -7.01
CA PRO B 583 4.36 -23.37 -6.03
C PRO B 583 3.44 -22.45 -5.24
N LYS B 584 3.50 -22.57 -3.91
CA LYS B 584 2.72 -21.73 -3.01
C LYS B 584 3.40 -20.36 -2.93
N PRO B 585 2.67 -19.33 -2.48
CA PRO B 585 3.22 -17.98 -2.37
C PRO B 585 4.40 -17.83 -1.41
N ASP B 586 4.50 -18.74 -0.44
CA ASP B 586 5.57 -18.71 0.55
C ASP B 586 6.83 -19.46 0.09
N GLN B 587 6.78 -20.11 -1.06
CA GLN B 587 7.95 -20.86 -1.55
C GLN B 587 8.83 -20.00 -2.45
N TRP B 588 9.62 -19.14 -1.82
CA TRP B 588 10.49 -18.22 -2.53
C TRP B 588 11.54 -18.93 -3.37
N LYS B 589 11.82 -20.20 -3.03
CA LYS B 589 12.83 -20.98 -3.74
C LYS B 589 12.41 -21.43 -5.14
N ALA B 590 11.13 -21.33 -5.46
CA ALA B 590 10.63 -21.81 -6.75
C ALA B 590 11.41 -21.27 -7.95
N ASP B 591 11.63 -19.97 -7.98
CA ASP B 591 12.32 -19.36 -9.11
C ASP B 591 13.79 -19.74 -9.17
N TYR B 592 14.40 -20.04 -8.04
CA TYR B 592 15.80 -20.41 -8.02
C TYR B 592 15.96 -21.86 -8.51
N TYR B 593 15.02 -22.73 -8.15
CA TYR B 593 15.07 -24.09 -8.66
C TYR B 593 14.93 -24.00 -10.19
N HIS B 594 13.98 -23.19 -10.65
CA HIS B 594 13.80 -23.02 -12.09
C HIS B 594 15.11 -22.62 -12.77
N GLN B 595 15.82 -21.69 -12.15
CA GLN B 595 17.10 -21.22 -12.68
C GLN B 595 18.13 -22.36 -12.71
N LYS B 596 18.20 -23.17 -11.64
CA LYS B 596 19.15 -24.27 -11.66
C LYS B 596 18.83 -25.22 -12.82
N ALA B 597 17.55 -25.64 -12.93
CA ALA B 597 17.12 -26.55 -14.00
C ALA B 597 17.45 -26.01 -15.38
N HIS B 598 17.58 -24.70 -15.49
CA HIS B 598 17.86 -24.12 -16.79
C HIS B 598 19.34 -23.99 -17.05
N MET B 599 20.08 -23.59 -16.03
CA MET B 599 21.50 -23.38 -16.20
C MET B 599 22.27 -24.70 -16.27
N ILE B 600 21.76 -25.75 -15.63
CA ILE B 600 22.47 -27.01 -15.69
C ILE B 600 22.55 -27.50 -17.12
N GLU B 601 21.47 -27.37 -17.87
CA GLU B 601 21.48 -27.75 -19.28
C GLU B 601 22.43 -26.85 -20.07
N LYS B 602 22.42 -25.55 -19.78
CA LYS B 602 23.30 -24.67 -20.51
C LYS B 602 24.75 -25.01 -20.25
N PHE B 603 25.04 -25.51 -19.04
CA PHE B 603 26.40 -25.87 -18.73
C PHE B 603 26.84 -27.04 -19.61
N TYR B 604 25.94 -28.03 -19.74
CA TYR B 604 26.16 -29.19 -20.57
C TYR B 604 26.57 -28.74 -21.98
N GLN B 605 25.75 -27.92 -22.61
CA GLN B 605 26.10 -27.42 -23.94
C GLN B 605 27.45 -26.73 -23.93
N TYR B 606 27.88 -26.24 -22.77
CA TYR B 606 29.18 -25.59 -22.68
C TYR B 606 30.27 -26.64 -22.76
N VAL B 607 30.06 -27.76 -22.10
CA VAL B 607 31.05 -28.83 -22.13
C VAL B 607 31.15 -29.37 -23.57
N GLN B 608 30.02 -29.83 -24.12
CA GLN B 608 29.99 -30.38 -25.47
C GLN B 608 30.74 -29.50 -26.47
N GLU B 609 30.65 -28.19 -26.34
CA GLU B 609 31.32 -27.30 -27.28
C GLU B 609 32.72 -26.89 -26.85
N ASN B 610 33.18 -27.31 -25.69
CA ASN B 610 34.50 -26.85 -25.27
C ASN B 610 35.39 -27.91 -24.60
N HIS B 611 34.91 -29.14 -24.45
CA HIS B 611 35.74 -30.18 -23.80
C HIS B 611 36.92 -30.60 -24.69
N ALA B 612 36.83 -30.32 -25.99
CA ALA B 612 37.88 -30.68 -26.94
C ALA B 612 39.19 -30.00 -26.61
N ASP B 613 39.27 -28.70 -26.88
CA ASP B 613 40.47 -27.93 -26.64
C ASP B 613 40.84 -27.80 -25.16
N GLY B 614 40.09 -28.49 -24.30
CA GLY B 614 40.39 -28.41 -22.88
C GLY B 614 39.85 -27.14 -22.24
N PHE B 615 38.71 -26.67 -22.72
CA PHE B 615 38.06 -25.47 -22.19
C PHE B 615 38.95 -24.25 -22.32
N LYS B 616 39.32 -23.92 -23.56
CA LYS B 616 40.15 -22.75 -23.82
C LYS B 616 39.39 -21.50 -23.38
N THR B 617 38.14 -21.40 -23.87
CA THR B 617 37.26 -20.29 -23.52
C THR B 617 36.55 -20.63 -22.21
N SER B 618 36.63 -19.72 -21.24
CA SER B 618 36.02 -19.93 -19.94
C SER B 618 34.50 -19.92 -20.01
N TRP B 619 33.88 -20.52 -19.00
CA TRP B 619 32.42 -20.57 -18.87
C TRP B 619 31.84 -19.16 -18.96
N SER B 620 32.52 -18.19 -18.35
CA SER B 620 32.03 -16.81 -18.44
C SER B 620 32.01 -16.33 -19.87
N GLN B 621 33.13 -16.51 -20.58
CA GLN B 621 33.28 -16.09 -21.98
C GLN B 621 32.22 -16.71 -22.85
N TRP B 622 32.05 -18.02 -22.75
CA TRP B 622 31.03 -18.68 -23.53
C TRP B 622 29.68 -18.02 -23.25
N LEU B 623 29.29 -18.06 -21.97
CA LEU B 623 28.02 -17.48 -21.51
C LEU B 623 27.72 -16.19 -22.25
N ALA B 624 28.75 -15.36 -22.42
CA ALA B 624 28.61 -14.11 -23.16
C ALA B 624 28.60 -14.44 -24.66
N ALA B 625 27.42 -14.66 -25.20
CA ALA B 625 27.28 -15.00 -26.61
C ALA B 625 25.83 -14.91 -27.07
#